data_3QSS
#
_entry.id   3QSS
#
_cell.length_a   70.976
_cell.length_b   69.478
_cell.length_c   72.747
_cell.angle_alpha   90.00
_cell.angle_beta   92.33
_cell.angle_gamma   90.00
#
_symmetry.space_group_name_H-M   'P 1 21 1'
#
loop_
_entity.id
_entity.type
_entity.pdbx_description
1 polymer 'Monomeric sarcosine oxidase'
2 non-polymer 'FLAVIN-ADENINE DINUCLEOTIDE'
3 non-polymer 'CHLORIDE ION'
4 non-polymer [METHYLTHIO]ACETATE
5 water water
#
_entity_poly.entity_id   1
_entity_poly.type   'polypeptide(L)'
_entity_poly.pdbx_seq_one_letter_code
;STHFDVIVVGAGSMGMAAGYQLAKQGVKTLLVDAFDPPHTNGSHHGDTRIIRHAYGEGREYVPLALRSQELWYELEKETH
HKIFTKTGVLVFGPKGESAFVAETMEAAKEHSLTVDLLEGDEINKRWPGITVPENYNAIFEPNSGVLFSENCIRAYRELA
EARGAKVLTHTRVEDFDISPDSVKIETANGSYTADKLIVSMGAWNSKLLSKLNLDIPLQPYRQVVGFFESDESKYSNDID
FPGFMVEVPNGIYYGFPSFGGCGLKLGYHTFGQKIDPDTINREFGVYPEDESNLRAFLEEYMPGANGELKRGAVCMYTKT
LDEHFIIDLHPEHSNVVIAAGFSGHGFKFSSGVGEVLSQLALTGKTEHDISIFSINRPALKESLQKTTI
;
_entity_poly.pdbx_strand_id   A,B
#
# COMPACT_ATOMS: atom_id res chain seq x y z
N SER A 1 19.44 14.34 -29.70
CA SER A 1 18.36 15.06 -29.35
C SER A 1 17.30 14.12 -29.93
N THR A 2 16.19 14.52 -30.48
CA THR A 2 15.18 13.52 -30.86
C THR A 2 13.80 14.20 -30.97
N HIS A 3 12.74 13.62 -31.72
CA HIS A 3 11.33 14.15 -31.71
C HIS A 3 10.48 13.19 -30.87
N PHE A 4 9.41 13.70 -30.27
CA PHE A 4 8.53 12.89 -29.43
C PHE A 4 7.13 13.41 -29.67
N ASP A 5 6.12 12.71 -29.17
CA ASP A 5 4.75 13.17 -29.33
C ASP A 5 4.58 14.31 -28.34
N VAL A 6 5.00 14.06 -27.11
CA VAL A 6 4.90 15.05 -26.03
C VAL A 6 6.16 15.11 -25.19
N ILE A 7 6.52 16.30 -24.75
CA ILE A 7 7.68 16.49 -23.88
C ILE A 7 7.18 17.15 -22.60
N VAL A 8 7.52 16.56 -21.46
CA VAL A 8 7.14 17.11 -20.16
C VAL A 8 8.41 17.72 -19.56
N VAL A 9 8.40 19.00 -19.26
CA VAL A 9 9.56 19.64 -18.64
C VAL A 9 9.27 19.79 -17.16
N GLY A 10 9.97 19.00 -16.36
CA GLY A 10 9.78 19.01 -14.91
C GLY A 10 8.96 17.76 -14.62
N ALA A 11 9.66 16.68 -14.28
CA ALA A 11 9.01 15.41 -14.00
C ALA A 11 8.81 15.15 -12.51
N GLY A 12 8.13 16.08 -11.85
CA GLY A 12 7.88 15.94 -10.44
C GLY A 12 6.46 15.48 -10.16
N SER A 13 5.85 16.09 -9.15
CA SER A 13 4.49 15.74 -8.75
C SER A 13 3.52 15.70 -9.92
N MET A 14 3.41 16.82 -10.62
CA MET A 14 2.49 16.94 -11.75
C MET A 14 3.02 16.34 -13.05
N GLY A 15 4.30 16.57 -13.32
CA GLY A 15 4.91 16.06 -14.53
C GLY A 15 4.99 14.55 -14.64
N MET A 16 5.34 13.88 -13.55
CA MET A 16 5.43 12.41 -13.59
C MET A 16 4.03 11.80 -13.73
N ALA A 17 3.04 12.41 -13.08
CA ALA A 17 1.67 11.92 -13.18
C ALA A 17 1.23 12.04 -14.64
N ALA A 18 1.49 13.19 -15.24
CA ALA A 18 1.13 13.40 -16.64
C ALA A 18 1.84 12.39 -17.54
N GLY A 19 3.11 12.09 -17.22
CA GLY A 19 3.86 11.15 -18.03
C GLY A 19 3.28 9.74 -17.99
N TYR A 20 2.76 9.34 -16.84
CA TYR A 20 2.16 8.04 -16.67
C TYR A 20 0.86 8.00 -17.50
N GLN A 21 0.06 9.05 -17.39
CA GLN A 21 -1.20 9.14 -18.13
C GLN A 21 -0.95 9.08 -19.65
N LEU A 22 0.11 9.75 -20.11
CA LEU A 22 0.41 9.74 -21.54
C LEU A 22 0.97 8.39 -21.99
N ALA A 23 1.86 7.82 -21.19
CA ALA A 23 2.46 6.53 -21.51
C ALA A 23 1.40 5.43 -21.54
N LYS A 24 0.45 5.48 -20.60
CA LYS A 24 -0.64 4.52 -20.50
C LYS A 24 -1.31 4.34 -21.85
N GLN A 25 -1.37 5.43 -22.60
CA GLN A 25 -2.03 5.47 -23.89
C GLN A 25 -1.17 5.22 -25.12
N GLY A 26 0.08 4.82 -24.92
CA GLY A 26 0.95 4.58 -26.05
C GLY A 26 1.51 5.85 -26.68
N VAL A 27 1.35 6.99 -26.01
CA VAL A 27 1.87 8.25 -26.52
C VAL A 27 3.38 8.28 -26.24
N LYS A 28 4.18 8.52 -27.28
CA LYS A 28 5.62 8.56 -27.10
C LYS A 28 6.01 9.85 -26.39
N THR A 29 6.40 9.68 -25.13
CA THR A 29 6.72 10.78 -24.23
C THR A 29 8.15 10.87 -23.71
N LEU A 30 8.63 12.10 -23.56
CA LEU A 30 9.95 12.35 -22.99
C LEU A 30 9.75 13.27 -21.80
N LEU A 31 10.21 12.83 -20.64
CA LEU A 31 10.12 13.62 -19.42
C LEU A 31 11.54 14.09 -19.11
N VAL A 32 11.74 15.39 -18.92
CA VAL A 32 13.07 15.91 -18.59
C VAL A 32 13.09 16.58 -17.23
N ASP A 33 14.02 16.16 -16.38
CA ASP A 33 14.11 16.75 -15.05
C ASP A 33 15.54 17.16 -14.75
N ALA A 34 15.67 18.26 -14.02
CA ALA A 34 16.96 18.81 -13.62
C ALA A 34 17.66 17.88 -12.64
N PHE A 35 16.88 17.03 -11.98
CA PHE A 35 17.41 16.08 -11.03
C PHE A 35 16.91 14.66 -11.34
N ASP A 36 16.75 13.83 -10.32
CA ASP A 36 16.29 12.45 -10.52
C ASP A 36 15.13 12.20 -9.56
N PRO A 37 13.88 12.50 -10.01
CA PRO A 37 12.68 12.31 -9.18
C PRO A 37 12.40 10.87 -8.76
N PRO A 38 11.97 10.67 -7.50
CA PRO A 38 11.74 11.73 -6.51
C PRO A 38 13.06 12.18 -5.90
N HIS A 39 13.18 13.48 -5.60
CA HIS A 39 14.41 14.01 -5.03
C HIS A 39 14.07 14.98 -3.90
N THR A 40 15.09 15.67 -3.35
CA THR A 40 14.85 16.60 -2.25
C THR A 40 15.03 18.09 -2.59
N ASN A 41 15.12 18.41 -3.87
CA ASN A 41 15.34 19.79 -4.30
C ASN A 41 14.09 20.53 -4.76
N GLY A 42 12.97 19.81 -4.88
CA GLY A 42 11.75 20.43 -5.32
C GLY A 42 10.73 20.64 -4.21
N SER A 43 9.48 20.30 -4.50
CA SER A 43 8.40 20.45 -3.55
C SER A 43 7.70 19.15 -3.15
N HIS A 44 8.29 17.99 -3.46
CA HIS A 44 7.61 16.73 -3.16
C HIS A 44 8.21 15.80 -2.09
N HIS A 45 9.36 16.16 -1.52
CA HIS A 45 9.99 15.33 -0.51
C HIS A 45 9.42 15.57 0.89
N GLY A 46 9.82 14.75 1.83
CA GLY A 46 9.31 14.89 3.19
C GLY A 46 8.46 13.68 3.52
N ASP A 47 8.51 12.68 2.65
CA ASP A 47 7.79 11.41 2.83
C ASP A 47 6.28 11.41 2.65
N THR A 48 5.59 12.27 3.40
CA THR A 48 4.13 12.29 3.39
C THR A 48 3.41 13.57 2.97
N ARG A 49 2.17 13.41 2.53
CA ARG A 49 1.35 14.52 2.08
C ARG A 49 -0.11 14.23 2.44
N ILE A 50 -0.81 15.26 2.89
CA ILE A 50 -2.21 15.10 3.23
C ILE A 50 -3.11 15.21 2.01
N ILE A 51 -4.17 14.42 1.99
CA ILE A 51 -5.17 14.54 0.94
C ILE A 51 -6.48 14.68 1.72
N ARG A 52 -7.20 15.76 1.39
CA ARG A 52 -8.49 16.06 2.01
C ARG A 52 -9.48 16.09 0.87
N HIS A 53 -10.75 15.90 1.18
CA HIS A 53 -11.81 15.94 0.18
C HIS A 53 -12.66 17.17 0.49
N ALA A 54 -13.15 17.27 1.73
CA ALA A 54 -13.92 18.44 2.15
C ALA A 54 -12.83 19.50 2.14
N TYR A 55 -12.89 20.40 1.16
CA TYR A 55 -11.84 21.40 0.98
C TYR A 55 -12.04 22.85 1.48
N GLY A 56 -11.28 23.21 2.51
CA GLY A 56 -11.36 24.54 3.10
C GLY A 56 -10.91 25.70 2.24
N GLU A 57 -10.08 25.42 1.23
CA GLU A 57 -9.60 26.47 0.32
C GLU A 57 -10.67 26.80 -0.69
N GLY A 58 -11.67 25.93 -0.79
CA GLY A 58 -12.76 26.16 -1.74
C GLY A 58 -13.47 24.88 -2.12
N ARG A 59 -14.79 24.89 -1.97
CA ARG A 59 -15.62 23.75 -2.30
C ARG A 59 -15.47 23.33 -3.76
N GLU A 60 -15.03 24.25 -4.62
CA GLU A 60 -14.88 23.93 -6.03
C GLU A 60 -13.72 22.97 -6.35
N TYR A 61 -12.91 22.64 -5.34
CA TYR A 61 -11.77 21.73 -5.49
C TYR A 61 -12.19 20.28 -5.25
N VAL A 62 -13.34 20.08 -4.60
CA VAL A 62 -13.80 18.74 -4.27
C VAL A 62 -13.83 17.73 -5.42
N PRO A 63 -14.47 18.09 -6.56
CA PRO A 63 -14.48 17.12 -7.66
C PRO A 63 -13.08 16.56 -7.99
N LEU A 64 -12.12 17.45 -8.19
CA LEU A 64 -10.76 17.04 -8.51
C LEU A 64 -10.15 16.21 -7.38
N ALA A 65 -10.49 16.56 -6.15
CA ALA A 65 -10.00 15.84 -4.98
C ALA A 65 -10.53 14.41 -5.00
N LEU A 66 -11.83 14.25 -5.28
CA LEU A 66 -12.42 12.91 -5.31
C LEU A 66 -11.88 12.09 -6.48
N ARG A 67 -11.70 12.71 -7.63
CA ARG A 67 -11.14 11.95 -8.76
C ARG A 67 -9.70 11.55 -8.41
N SER A 68 -8.95 12.47 -7.82
CA SER A 68 -7.57 12.17 -7.45
C SER A 68 -7.53 11.01 -6.46
N GLN A 69 -8.45 10.99 -5.50
CA GLN A 69 -8.46 9.90 -4.53
C GLN A 69 -8.69 8.54 -5.21
N GLU A 70 -9.61 8.46 -6.16
CA GLU A 70 -9.86 7.20 -6.85
C GLU A 70 -8.63 6.79 -7.64
N LEU A 71 -7.94 7.77 -8.21
CA LEU A 71 -6.73 7.50 -8.98
C LEU A 71 -5.60 7.03 -8.06
N TRP A 72 -5.59 7.51 -6.82
CA TRP A 72 -4.57 7.09 -5.87
C TRP A 72 -4.83 5.64 -5.47
N TYR A 73 -6.11 5.25 -5.38
CA TYR A 73 -6.41 3.86 -5.05
C TYR A 73 -6.04 2.98 -6.24
N GLU A 74 -6.23 3.48 -7.46
CA GLU A 74 -5.87 2.70 -8.67
C GLU A 74 -4.36 2.47 -8.69
N LEU A 75 -3.61 3.50 -8.33
CA LEU A 75 -2.15 3.40 -8.30
C LEU A 75 -1.69 2.37 -7.26
N GLU A 76 -2.31 2.40 -6.08
CA GLU A 76 -1.99 1.49 -5.00
C GLU A 76 -2.04 0.05 -5.50
N LYS A 77 -3.05 -0.25 -6.32
CA LYS A 77 -3.22 -1.59 -6.86
C LYS A 77 -2.28 -1.93 -8.00
N GLU A 78 -1.66 -0.91 -8.60
CA GLU A 78 -0.79 -1.12 -9.74
C GLU A 78 0.70 -1.27 -9.39
N THR A 79 1.10 -0.83 -8.21
CA THR A 79 2.51 -0.87 -7.81
C THR A 79 2.78 -1.60 -6.49
N HIS A 80 4.06 -1.89 -6.22
CA HIS A 80 4.43 -2.56 -4.97
C HIS A 80 4.75 -1.50 -3.92
N HIS A 81 4.84 -0.24 -4.34
CA HIS A 81 5.13 0.88 -3.45
C HIS A 81 3.88 1.28 -2.67
N LYS A 82 4.03 1.62 -1.39
CA LYS A 82 2.88 2.04 -0.58
C LYS A 82 2.48 3.44 -1.04
N ILE A 83 1.20 3.63 -1.30
CA ILE A 83 0.69 4.90 -1.80
C ILE A 83 -0.16 5.72 -0.81
N PHE A 84 -1.14 5.08 -0.20
CA PHE A 84 -2.07 5.77 0.69
C PHE A 84 -2.45 5.02 1.96
N THR A 85 -2.63 5.78 3.04
CA THR A 85 -3.06 5.22 4.32
C THR A 85 -4.22 6.11 4.75
N LYS A 86 -5.35 5.49 5.11
CA LYS A 86 -6.53 6.25 5.50
C LYS A 86 -6.52 6.65 6.97
N THR A 87 -5.75 7.69 7.28
CA THR A 87 -5.63 8.20 8.64
C THR A 87 -6.81 9.08 9.02
N GLY A 88 -7.47 9.62 8.01
CA GLY A 88 -8.58 10.53 8.24
C GLY A 88 -7.93 11.89 8.41
N VAL A 89 -8.69 12.97 8.27
CA VAL A 89 -8.11 14.29 8.44
C VAL A 89 -8.99 15.14 9.32
N LEU A 90 -8.36 15.66 10.38
CA LEU A 90 -9.05 16.50 11.34
C LEU A 90 -8.77 17.97 11.08
N VAL A 91 -9.83 18.76 11.02
CA VAL A 91 -9.72 20.21 10.82
C VAL A 91 -10.43 20.89 11.99
N PHE A 92 -9.70 21.70 12.76
CA PHE A 92 -10.32 22.42 13.86
C PHE A 92 -9.88 23.88 13.94
N GLY A 93 -10.62 24.66 14.73
CA GLY A 93 -10.32 26.08 14.89
C GLY A 93 -11.31 26.74 15.83
N PRO A 94 -11.06 27.98 16.25
CA PRO A 94 -11.99 28.66 17.16
C PRO A 94 -13.37 28.76 16.50
N LYS A 95 -14.40 28.36 17.23
CA LYS A 95 -15.76 28.38 16.72
C LYS A 95 -16.13 29.77 16.19
N GLY A 96 -16.59 29.81 14.94
CA GLY A 96 -17.00 31.06 14.31
C GLY A 96 -15.91 32.04 13.96
N GLU A 97 -14.65 31.62 14.05
CA GLU A 97 -13.54 32.51 13.74
C GLU A 97 -12.59 31.96 12.70
N SER A 98 -12.94 30.83 12.10
CA SER A 98 -12.10 30.22 11.07
C SER A 98 -12.82 30.08 9.74
N ALA A 99 -12.40 30.85 8.76
CA ALA A 99 -13.01 30.79 7.43
C ALA A 99 -12.68 29.43 6.84
N PHE A 100 -11.48 28.93 7.14
CA PHE A 100 -11.02 27.64 6.65
C PHE A 100 -11.91 26.49 7.13
N VAL A 101 -12.20 26.47 8.43
CA VAL A 101 -13.03 25.42 9.01
C VAL A 101 -14.44 25.51 8.42
N ALA A 102 -14.95 26.74 8.32
CA ALA A 102 -16.30 26.97 7.78
C ALA A 102 -16.47 26.47 6.34
N GLU A 103 -15.51 26.76 5.47
CA GLU A 103 -15.62 26.32 4.08
C GLU A 103 -15.49 24.81 3.98
N THR A 104 -14.75 24.20 4.90
CA THR A 104 -14.60 22.74 4.90
C THR A 104 -15.98 22.15 5.19
N MET A 105 -16.63 22.68 6.21
CA MET A 105 -17.96 22.21 6.57
C MET A 105 -18.94 22.41 5.42
N GLU A 106 -18.87 23.57 4.79
CA GLU A 106 -19.77 23.89 3.68
C GLU A 106 -19.49 22.99 2.48
N ALA A 107 -18.21 22.71 2.25
CA ALA A 107 -17.82 21.86 1.13
C ALA A 107 -18.32 20.43 1.36
N ALA A 108 -18.32 19.99 2.61
CA ALA A 108 -18.77 18.64 2.96
C ALA A 108 -20.27 18.54 2.73
N LYS A 109 -21.01 19.56 3.14
CA LYS A 109 -22.46 19.57 2.96
C LYS A 109 -22.79 19.51 1.47
N GLU A 110 -22.22 20.44 0.72
CA GLU A 110 -22.47 20.55 -0.72
C GLU A 110 -22.20 19.29 -1.53
N HIS A 111 -21.20 18.51 -1.14
CA HIS A 111 -20.89 17.29 -1.89
C HIS A 111 -21.24 16.01 -1.16
N SER A 112 -22.00 16.14 -0.07
CA SER A 112 -22.41 14.99 0.73
C SER A 112 -21.24 14.09 1.12
N LEU A 113 -20.18 14.71 1.62
CA LEU A 113 -19.00 13.95 2.06
C LEU A 113 -19.23 13.50 3.49
N THR A 114 -18.70 12.34 3.82
CA THR A 114 -18.84 11.78 5.15
C THR A 114 -17.91 12.47 6.14
N VAL A 115 -18.49 13.09 7.15
CA VAL A 115 -17.70 13.80 8.15
C VAL A 115 -18.35 13.74 9.52
N ASP A 116 -17.53 13.93 10.54
CA ASP A 116 -17.98 13.93 11.93
C ASP A 116 -17.76 15.36 12.42
N LEU A 117 -18.79 15.93 13.04
CA LEU A 117 -18.68 17.28 13.57
C LEU A 117 -18.58 17.18 15.08
N LEU A 118 -17.54 17.79 15.65
CA LEU A 118 -17.38 17.77 17.10
C LEU A 118 -16.87 19.10 17.65
N GLU A 119 -16.99 19.29 18.96
CA GLU A 119 -16.55 20.55 19.56
C GLU A 119 -15.90 20.43 20.94
N GLY A 120 -15.00 21.36 21.20
CA GLY A 120 -14.30 21.43 22.47
C GLY A 120 -13.69 20.17 23.07
N ASP A 121 -14.23 19.77 24.22
CA ASP A 121 -13.76 18.60 24.94
C ASP A 121 -14.00 17.28 24.21
N GLU A 122 -14.97 17.27 23.30
CA GLU A 122 -15.27 16.06 22.52
C GLU A 122 -14.06 15.74 21.65
N ILE A 123 -13.33 16.78 21.26
CA ILE A 123 -12.15 16.63 20.44
C ILE A 123 -11.03 16.04 21.29
N ASN A 124 -10.86 16.61 22.48
CA ASN A 124 -9.83 16.15 23.41
C ASN A 124 -10.09 14.72 23.88
N LYS A 125 -11.37 14.39 24.08
CA LYS A 125 -11.73 13.05 24.53
C LYS A 125 -11.54 12.00 23.44
N ARG A 126 -11.94 12.33 22.22
CA ARG A 126 -11.81 11.37 21.13
C ARG A 126 -10.36 11.06 20.81
N TRP A 127 -9.51 12.08 20.79
CA TRP A 127 -8.10 11.88 20.47
C TRP A 127 -7.13 12.27 21.58
N PRO A 128 -6.79 11.32 22.47
CA PRO A 128 -5.84 11.69 23.53
C PRO A 128 -4.60 12.21 22.82
N GLY A 129 -4.10 13.37 23.25
CA GLY A 129 -2.92 13.94 22.62
C GLY A 129 -3.22 15.32 22.07
N ILE A 130 -4.51 15.62 21.91
CA ILE A 130 -4.92 16.92 21.41
C ILE A 130 -5.60 17.70 22.52
N THR A 131 -5.16 18.93 22.74
CA THR A 131 -5.75 19.77 23.79
C THR A 131 -6.17 21.12 23.21
N VAL A 132 -7.46 21.27 22.96
CA VAL A 132 -7.99 22.53 22.43
C VAL A 132 -8.98 23.14 23.42
N PRO A 133 -9.19 24.47 23.33
CA PRO A 133 -10.12 25.17 24.23
C PRO A 133 -11.55 24.72 23.97
N GLU A 134 -12.46 25.04 24.83
CA GLU A 134 -13.81 24.61 24.70
C GLU A 134 -14.57 25.33 23.63
N ASN A 135 -14.08 26.47 23.26
CA ASN A 135 -14.74 27.24 22.20
C ASN A 135 -14.32 26.81 20.79
N TYR A 136 -13.53 25.75 20.69
CA TYR A 136 -13.09 25.27 19.38
C TYR A 136 -14.07 24.24 18.85
N ASN A 137 -14.18 24.16 17.53
CA ASN A 137 -15.04 23.16 16.93
C ASN A 137 -14.23 22.47 15.86
N ALA A 138 -14.70 21.33 15.38
CA ALA A 138 -13.96 20.59 14.39
C ALA A 138 -14.84 19.80 13.43
N ILE A 139 -14.22 19.37 12.35
CA ILE A 139 -14.87 18.55 11.35
C ILE A 139 -13.82 17.51 10.99
N PHE A 140 -14.18 16.24 11.17
CA PHE A 140 -13.28 15.13 10.90
C PHE A 140 -13.73 14.36 9.67
N GLU A 141 -12.79 14.12 8.77
CA GLU A 141 -13.04 13.38 7.54
C GLU A 141 -12.37 12.03 7.67
N PRO A 142 -13.13 10.99 8.01
CA PRO A 142 -12.58 9.65 8.17
C PRO A 142 -11.97 8.97 6.96
N ASN A 143 -12.48 9.28 5.76
CA ASN A 143 -12.00 8.61 4.56
C ASN A 143 -10.90 9.26 3.74
N SER A 144 -10.39 10.41 4.18
CA SER A 144 -9.29 11.04 3.48
C SER A 144 -8.06 10.57 4.26
N GLY A 145 -6.88 11.10 3.97
CA GLY A 145 -5.73 10.61 4.72
C GLY A 145 -4.37 11.09 4.29
N VAL A 146 -3.42 10.16 4.23
CA VAL A 146 -2.03 10.47 3.90
C VAL A 146 -1.51 9.72 2.68
N LEU A 147 -0.79 10.45 1.82
CA LEU A 147 -0.19 9.87 0.64
C LEU A 147 1.31 9.84 0.88
N PHE A 148 2.00 8.85 0.33
CA PHE A 148 3.46 8.77 0.47
C PHE A 148 3.99 9.30 -0.86
N SER A 149 4.13 10.62 -0.90
CA SER A 149 4.53 11.39 -2.07
C SER A 149 5.70 10.90 -2.91
N GLU A 150 6.82 10.57 -2.26
CA GLU A 150 7.96 10.10 -3.03
C GLU A 150 7.64 8.75 -3.67
N ASN A 151 6.91 7.90 -2.97
CA ASN A 151 6.52 6.59 -3.50
C ASN A 151 5.60 6.80 -4.72
N CYS A 152 4.72 7.79 -4.62
CA CYS A 152 3.78 8.10 -5.70
C CYS A 152 4.54 8.43 -6.97
N ILE A 153 5.53 9.31 -6.85
CA ILE A 153 6.33 9.71 -8.00
C ILE A 153 7.17 8.53 -8.51
N ARG A 154 7.77 7.80 -7.57
CA ARG A 154 8.61 6.61 -7.81
C ARG A 154 7.74 5.62 -8.63
N ALA A 155 6.51 5.39 -8.16
CA ALA A 155 5.58 4.47 -8.84
C ALA A 155 5.17 4.93 -10.23
N TYR A 156 4.72 6.17 -10.34
CA TYR A 156 4.30 6.70 -11.63
C TYR A 156 5.46 6.61 -12.63
N ARG A 157 6.67 6.87 -12.17
CA ARG A 157 7.81 6.80 -13.06
C ARG A 157 8.05 5.39 -13.59
N GLU A 158 8.13 4.43 -12.67
CA GLU A 158 8.35 3.03 -13.03
C GLU A 158 7.31 2.56 -14.04
N LEU A 159 6.04 2.87 -13.76
CA LEU A 159 4.97 2.49 -14.66
C LEU A 159 5.07 3.16 -16.03
N ALA A 160 5.37 4.45 -16.04
CA ALA A 160 5.49 5.18 -17.31
C ALA A 160 6.67 4.66 -18.11
N GLU A 161 7.81 4.46 -17.45
CA GLU A 161 8.99 3.97 -18.17
C GLU A 161 8.74 2.58 -18.73
N ALA A 162 8.06 1.73 -17.96
CA ALA A 162 7.77 0.38 -18.43
C ALA A 162 6.93 0.44 -19.70
N ARG A 163 6.12 1.48 -19.84
CA ARG A 163 5.26 1.66 -21.00
C ARG A 163 5.96 2.37 -22.15
N GLY A 164 7.23 2.68 -21.98
CA GLY A 164 7.98 3.34 -23.05
C GLY A 164 8.29 4.81 -22.88
N ALA A 165 7.90 5.41 -21.76
CA ALA A 165 8.21 6.82 -21.54
C ALA A 165 9.69 6.88 -21.27
N LYS A 166 10.36 7.93 -21.75
CA LYS A 166 11.78 8.09 -21.53
C LYS A 166 11.94 9.22 -20.51
N VAL A 167 12.87 9.07 -19.57
CA VAL A 167 13.09 10.10 -18.55
C VAL A 167 14.56 10.51 -18.59
N LEU A 168 14.82 11.74 -18.98
CA LEU A 168 16.17 12.28 -19.07
C LEU A 168 16.42 13.06 -17.78
N THR A 169 17.20 12.47 -16.90
CA THR A 169 17.51 13.06 -15.58
C THR A 169 18.73 13.97 -15.54
N HIS A 170 18.84 14.73 -14.46
CA HIS A 170 19.97 15.64 -14.25
C HIS A 170 20.20 16.53 -15.46
N THR A 171 19.12 16.93 -16.11
CA THR A 171 19.19 17.78 -17.29
C THR A 171 18.28 18.99 -17.17
N ARG A 172 18.89 20.14 -16.91
CA ARG A 172 18.13 21.37 -16.75
C ARG A 172 17.74 21.97 -18.11
N VAL A 173 16.47 22.25 -18.29
CA VAL A 173 16.01 22.87 -19.53
C VAL A 173 16.38 24.34 -19.38
N GLU A 174 17.01 24.90 -20.40
CA GLU A 174 17.47 26.28 -20.35
C GLU A 174 16.69 27.30 -21.18
N ASP A 175 15.98 26.83 -22.19
CA ASP A 175 15.20 27.74 -23.01
C ASP A 175 14.18 26.95 -23.81
N PHE A 176 13.19 27.65 -24.34
CA PHE A 176 12.12 27.06 -25.14
C PHE A 176 12.08 27.75 -26.50
N ASP A 177 11.69 27.00 -27.53
CA ASP A 177 11.56 27.53 -28.88
C ASP A 177 10.24 26.96 -29.38
N ILE A 178 9.19 27.77 -29.34
CA ILE A 178 7.86 27.33 -29.76
C ILE A 178 7.46 27.79 -31.15
N SER A 179 6.92 26.86 -31.94
CA SER A 179 6.49 27.16 -33.30
C SER A 179 5.02 26.79 -33.45
N PRO A 180 4.37 27.27 -34.52
CA PRO A 180 2.95 26.95 -34.73
C PRO A 180 2.63 25.46 -34.70
N ASP A 181 3.51 24.64 -35.26
CA ASP A 181 3.26 23.19 -35.31
C ASP A 181 4.20 22.27 -34.55
N SER A 182 4.98 22.81 -33.61
CA SER A 182 5.89 21.98 -32.83
C SER A 182 6.52 22.78 -31.71
N VAL A 183 7.18 22.07 -30.79
CA VAL A 183 7.83 22.70 -29.65
C VAL A 183 9.27 22.23 -29.57
N LYS A 184 10.12 23.03 -28.92
CA LYS A 184 11.51 22.68 -28.78
C LYS A 184 12.09 23.14 -27.45
N ILE A 185 12.96 22.31 -26.87
CA ILE A 185 13.60 22.67 -25.62
C ILE A 185 15.11 22.58 -25.80
N GLU A 186 15.82 23.43 -25.06
CA GLU A 186 17.29 23.45 -25.12
C GLU A 186 17.86 23.08 -23.77
N THR A 187 18.80 22.14 -23.77
CA THR A 187 19.45 21.71 -22.53
C THR A 187 20.95 21.55 -22.79
N ALA A 188 21.73 21.42 -21.73
CA ALA A 188 23.17 21.24 -21.86
C ALA A 188 23.45 19.87 -22.45
N ASN A 189 22.45 18.99 -22.36
CA ASN A 189 22.59 17.64 -22.88
C ASN A 189 21.99 17.47 -24.29
N GLY A 190 21.56 18.58 -24.88
CA GLY A 190 20.99 18.54 -26.22
C GLY A 190 19.58 19.11 -26.33
N SER A 191 19.14 19.33 -27.58
CA SER A 191 17.80 19.87 -27.83
C SER A 191 16.79 18.79 -28.14
N TYR A 192 15.52 19.01 -27.84
CA TYR A 192 14.51 18.00 -28.13
C TYR A 192 13.27 18.67 -28.66
N THR A 193 12.60 18.05 -29.61
CA THR A 193 11.38 18.61 -30.19
C THR A 193 10.21 17.64 -30.05
N ALA A 194 9.00 18.19 -30.16
CA ALA A 194 7.80 17.38 -30.04
C ALA A 194 6.61 18.14 -30.60
N ASP A 195 5.46 17.50 -30.61
CA ASP A 195 4.23 18.12 -31.09
C ASP A 195 3.60 18.94 -29.97
N LYS A 196 3.74 18.47 -28.74
CA LYS A 196 3.17 19.16 -27.59
C LYS A 196 4.14 19.25 -26.41
N LEU A 197 3.95 20.28 -25.59
CA LEU A 197 4.82 20.49 -24.43
C LEU A 197 3.99 20.71 -23.16
N ILE A 198 4.41 20.08 -22.07
CA ILE A 198 3.75 20.27 -20.78
C ILE A 198 4.85 20.88 -19.92
N VAL A 199 4.58 22.04 -19.31
CA VAL A 199 5.55 22.72 -18.47
C VAL A 199 5.08 22.64 -17.03
N SER A 200 5.86 21.95 -16.20
CA SER A 200 5.56 21.74 -14.78
C SER A 200 6.86 21.74 -13.98
N MET A 201 7.52 22.90 -13.91
CA MET A 201 8.80 23.01 -13.22
C MET A 201 8.76 23.40 -11.74
N GLY A 202 7.58 23.40 -11.15
CA GLY A 202 7.47 23.74 -9.74
C GLY A 202 7.94 25.15 -9.40
N ALA A 203 8.81 25.27 -8.40
CA ALA A 203 9.32 26.57 -7.98
C ALA A 203 10.04 27.30 -9.10
N TRP A 204 10.59 26.55 -10.05
CA TRP A 204 11.33 27.14 -11.15
C TRP A 204 10.42 27.76 -12.22
N ASN A 205 9.11 27.55 -12.09
CA ASN A 205 8.14 28.15 -13.01
C ASN A 205 8.19 29.66 -12.78
N SER A 206 8.52 30.06 -11.55
CA SER A 206 8.59 31.47 -11.22
C SER A 206 9.73 32.19 -11.93
N LYS A 207 10.76 31.44 -12.32
CA LYS A 207 11.91 32.02 -13.00
C LYS A 207 11.94 31.79 -14.51
N LEU A 208 11.50 30.62 -14.93
CA LEU A 208 11.54 30.25 -16.34
C LEU A 208 10.33 30.46 -17.22
N LEU A 209 9.19 30.85 -16.66
CA LEU A 209 8.03 31.05 -17.53
C LEU A 209 8.20 32.25 -18.44
N SER A 210 9.15 33.13 -18.12
CA SER A 210 9.41 34.30 -18.94
C SER A 210 9.97 33.85 -20.29
N LYS A 211 10.63 32.69 -20.30
CA LYS A 211 11.22 32.12 -21.52
C LYS A 211 10.12 31.70 -22.49
N LEU A 212 8.88 31.70 -22.01
CA LEU A 212 7.74 31.36 -22.84
C LEU A 212 6.90 32.62 -23.02
N ASN A 213 7.54 33.75 -22.77
CA ASN A 213 6.92 35.06 -22.89
C ASN A 213 5.73 35.27 -21.96
N LEU A 214 5.72 34.54 -20.85
CA LEU A 214 4.65 34.66 -19.87
C LEU A 214 5.16 35.42 -18.66
N ASP A 215 4.37 36.40 -18.20
CA ASP A 215 4.74 37.20 -17.03
C ASP A 215 3.61 37.02 -16.02
N ILE A 216 3.74 36.00 -15.18
CA ILE A 216 2.75 35.69 -14.16
C ILE A 216 3.36 35.80 -12.77
N PRO A 217 2.68 36.50 -11.85
CA PRO A 217 3.24 36.61 -10.50
C PRO A 217 3.24 35.25 -9.79
N LEU A 218 4.43 34.76 -9.44
CA LEU A 218 4.58 33.48 -8.74
C LEU A 218 5.69 33.65 -7.71
N GLN A 219 5.40 33.38 -6.45
CA GLN A 219 6.41 33.53 -5.41
C GLN A 219 6.78 32.26 -4.68
N PRO A 220 8.03 31.81 -4.82
CA PRO A 220 8.46 30.60 -4.12
C PRO A 220 8.64 30.91 -2.63
N TYR A 221 8.23 29.98 -1.78
CA TYR A 221 8.33 30.12 -0.34
C TYR A 221 9.10 28.96 0.28
N ARG A 222 10.00 29.28 1.21
CA ARG A 222 10.77 28.26 1.92
C ARG A 222 9.85 27.81 3.05
N GLN A 223 9.45 26.53 3.01
CA GLN A 223 8.55 25.97 4.01
C GLN A 223 9.15 24.74 4.67
N VAL A 224 9.36 24.80 5.97
CA VAL A 224 9.95 23.67 6.68
C VAL A 224 8.94 22.82 7.44
N VAL A 225 9.36 21.60 7.78
CA VAL A 225 8.56 20.66 8.57
C VAL A 225 9.47 19.96 9.56
N GLY A 226 8.91 19.59 10.70
CA GLY A 226 9.70 18.90 11.70
C GLY A 226 9.06 17.61 12.16
N PHE A 227 9.90 16.62 12.46
CA PHE A 227 9.49 15.32 12.96
C PHE A 227 9.90 15.31 14.42
N PHE A 228 8.94 15.18 15.33
CA PHE A 228 9.23 15.23 16.77
C PHE A 228 9.00 13.91 17.50
N GLU A 229 9.86 13.61 18.48
CA GLU A 229 9.70 12.38 19.25
C GLU A 229 8.37 12.54 19.99
N SER A 230 7.47 11.58 19.78
CA SER A 230 6.14 11.67 20.38
C SER A 230 5.74 10.48 21.22
N ASP A 231 4.71 10.69 22.03
CA ASP A 231 4.18 9.63 22.87
C ASP A 231 3.43 8.73 21.89
N GLU A 232 4.05 7.62 21.52
CA GLU A 232 3.45 6.71 20.55
C GLU A 232 2.07 6.17 20.94
N SER A 233 1.78 6.12 22.23
CA SER A 233 0.49 5.61 22.67
C SER A 233 -0.64 6.59 22.35
N LYS A 234 -0.28 7.77 21.87
CA LYS A 234 -1.28 8.78 21.52
C LYS A 234 -1.17 9.28 20.07
N TYR A 235 0.05 9.43 19.59
CA TYR A 235 0.26 9.99 18.26
C TYR A 235 0.59 9.04 17.12
N SER A 236 0.60 7.75 17.38
CA SER A 236 0.91 6.79 16.32
C SER A 236 -0.29 6.57 15.41
N ASN A 237 -0.04 6.24 14.14
CA ASN A 237 -1.11 5.96 13.20
C ASN A 237 -1.80 4.66 13.63
N ASP A 238 -1.07 3.83 14.36
CA ASP A 238 -1.58 2.56 14.86
C ASP A 238 -2.71 2.70 15.85
N ILE A 239 -2.78 3.85 16.53
CA ILE A 239 -3.84 4.09 17.50
C ILE A 239 -4.80 5.14 16.94
N ASP A 240 -4.78 5.26 15.62
CA ASP A 240 -5.66 6.17 14.90
C ASP A 240 -5.54 7.67 15.10
N PHE A 241 -4.34 8.17 15.40
CA PHE A 241 -4.18 9.61 15.52
C PHE A 241 -4.28 10.01 14.05
N PRO A 242 -5.04 11.07 13.75
CA PRO A 242 -5.22 11.55 12.37
C PRO A 242 -4.23 12.54 11.81
N GLY A 243 -4.37 12.79 10.51
CA GLY A 243 -3.57 13.80 9.86
C GLY A 243 -4.36 15.04 10.20
N PHE A 244 -3.77 16.22 10.11
CA PHE A 244 -4.55 17.40 10.46
C PHE A 244 -4.14 18.70 9.77
N MET A 245 -5.11 19.59 9.64
CA MET A 245 -4.89 20.92 9.08
C MET A 245 -5.84 21.79 9.88
N VAL A 246 -5.28 22.67 10.70
CA VAL A 246 -6.08 23.51 11.58
C VAL A 246 -5.77 25.00 11.50
N GLU A 247 -6.73 25.81 11.91
CA GLU A 247 -6.55 27.25 11.89
C GLU A 247 -6.71 27.81 13.29
N VAL A 248 -5.63 28.38 13.80
CA VAL A 248 -5.63 28.99 15.13
C VAL A 248 -5.41 30.48 14.91
N PRO A 249 -5.55 31.30 15.95
CA PRO A 249 -5.35 32.74 15.78
C PRO A 249 -4.13 33.18 14.96
N ASN A 250 -2.98 32.58 15.22
CA ASN A 250 -1.80 33.00 14.50
C ASN A 250 -1.45 32.22 13.23
N GLY A 251 -2.45 31.61 12.60
CA GLY A 251 -2.18 30.90 11.36
C GLY A 251 -2.75 29.50 11.20
N ILE A 252 -2.30 28.83 10.15
CA ILE A 252 -2.73 27.48 9.82
C ILE A 252 -1.55 26.52 9.94
N TYR A 253 -1.79 25.38 10.57
CA TYR A 253 -0.78 24.35 10.76
C TYR A 253 -1.32 23.02 10.22
N TYR A 254 -0.41 22.15 9.81
CA TYR A 254 -0.78 20.82 9.31
C TYR A 254 0.18 19.79 9.86
N GLY A 255 -0.31 18.58 10.11
CA GLY A 255 0.55 17.56 10.66
C GLY A 255 0.14 16.13 10.35
N PHE A 256 1.02 15.22 10.70
CA PHE A 256 0.82 13.80 10.43
C PHE A 256 1.05 12.92 11.65
N PRO A 257 0.31 11.81 11.74
CA PRO A 257 0.51 10.92 12.88
C PRO A 257 1.87 10.27 12.69
N SER A 258 2.39 9.66 13.75
CA SER A 258 3.68 9.01 13.65
C SER A 258 3.52 7.66 12.94
N PHE A 259 4.34 7.43 11.92
CA PHE A 259 4.31 6.19 11.16
C PHE A 259 5.54 5.34 11.49
N GLY A 260 5.32 4.17 12.06
CA GLY A 260 6.44 3.31 12.40
C GLY A 260 7.44 4.03 13.29
N GLY A 261 6.93 4.86 14.19
CA GLY A 261 7.78 5.60 15.12
C GLY A 261 8.65 6.72 14.55
N CYS A 262 8.30 7.25 13.39
CA CYS A 262 9.09 8.33 12.79
C CYS A 262 8.83 9.66 13.49
N GLY A 263 7.81 9.66 14.35
CA GLY A 263 7.45 10.88 15.08
C GLY A 263 6.38 11.69 14.38
N LEU A 264 5.68 12.54 15.14
CA LEU A 264 4.66 13.38 14.55
C LEU A 264 5.37 14.43 13.70
N LYS A 265 4.83 14.69 12.51
CA LYS A 265 5.38 15.67 11.60
C LYS A 265 4.49 16.90 11.60
N LEU A 266 5.09 18.08 11.67
CA LEU A 266 4.32 19.31 11.69
C LEU A 266 4.91 20.38 10.78
N GLY A 267 4.02 21.20 10.22
CA GLY A 267 4.43 22.28 9.35
C GLY A 267 3.57 23.52 9.59
N TYR A 268 4.15 24.71 9.43
CA TYR A 268 3.44 25.97 9.60
C TYR A 268 3.15 26.43 8.17
N HIS A 269 1.88 26.39 7.79
CA HIS A 269 1.42 26.71 6.45
C HIS A 269 1.36 28.17 5.98
N THR A 270 0.88 29.05 6.85
CA THR A 270 0.71 30.46 6.49
C THR A 270 1.95 31.35 6.57
N PHE A 271 3.07 30.80 6.99
CA PHE A 271 4.30 31.59 7.08
C PHE A 271 5.48 30.85 6.46
N GLY A 272 6.34 31.59 5.79
CA GLY A 272 7.52 31.02 5.17
C GLY A 272 8.39 32.15 4.65
N GLN A 273 9.62 31.84 4.26
CA GLN A 273 10.52 32.87 3.73
C GLN A 273 10.39 32.99 2.21
N LYS A 274 10.29 34.22 1.71
CA LYS A 274 10.23 34.42 0.27
C LYS A 274 11.63 34.09 -0.24
N ILE A 275 11.73 33.18 -1.21
CA ILE A 275 13.03 32.77 -1.71
C ILE A 275 13.08 32.51 -3.22
N ASP A 276 14.28 32.16 -3.70
CA ASP A 276 14.53 31.81 -5.09
C ASP A 276 15.01 30.36 -5.00
N PRO A 277 14.42 29.45 -5.80
CA PRO A 277 14.79 28.03 -5.77
C PRO A 277 16.25 27.70 -6.04
N ASP A 278 16.98 28.64 -6.63
CA ASP A 278 18.38 28.42 -6.93
C ASP A 278 19.33 28.87 -5.81
N THR A 279 18.83 29.68 -4.89
CA THR A 279 19.67 30.17 -3.80
C THR A 279 19.13 29.86 -2.40
N ILE A 280 18.00 29.18 -2.33
CA ILE A 280 17.37 28.81 -1.06
C ILE A 280 18.28 27.93 -0.19
N ASN A 281 18.28 28.20 1.11
CA ASN A 281 19.08 27.42 2.06
C ASN A 281 18.22 26.24 2.50
N ARG A 282 18.61 25.03 2.10
CA ARG A 282 17.85 23.83 2.44
C ARG A 282 18.18 23.11 3.74
N GLU A 283 18.90 23.78 4.63
CA GLU A 283 19.24 23.20 5.93
C GLU A 283 18.21 23.68 6.95
N PHE A 284 17.63 22.73 7.70
CA PHE A 284 16.63 23.06 8.70
C PHE A 284 17.26 23.66 9.96
N GLY A 285 16.68 24.75 10.45
CA GLY A 285 17.19 25.38 11.66
C GLY A 285 18.01 26.64 11.49
N VAL A 286 18.24 27.08 10.25
CA VAL A 286 19.05 28.27 10.01
C VAL A 286 18.31 29.57 10.35
N TYR A 287 16.99 29.48 10.50
CA TYR A 287 16.18 30.63 10.88
C TYR A 287 15.61 30.17 12.22
N PRO A 288 15.60 31.04 13.24
CA PRO A 288 15.06 30.58 14.52
C PRO A 288 13.58 30.21 14.42
N GLU A 289 12.92 30.68 13.36
CA GLU A 289 11.51 30.40 13.15
C GLU A 289 11.24 28.93 12.85
N ASP A 290 12.18 28.29 12.17
CA ASP A 290 12.04 26.89 11.77
C ASP A 290 11.52 25.97 12.88
N GLU A 291 12.25 25.92 13.99
CA GLU A 291 11.84 25.06 15.09
C GLU A 291 10.91 25.74 16.09
N SER A 292 11.09 27.03 16.35
CA SER A 292 10.25 27.72 17.33
C SER A 292 8.77 27.85 16.93
N ASN A 293 8.49 28.08 15.65
CA ASN A 293 7.09 28.19 15.22
C ASN A 293 6.35 26.86 15.40
N LEU A 294 7.08 25.76 15.25
CA LEU A 294 6.49 24.44 15.40
C LEU A 294 6.18 24.14 16.88
N ARG A 295 7.20 24.26 17.73
CA ARG A 295 7.03 23.99 19.16
C ARG A 295 5.99 24.89 19.83
N ALA A 296 5.81 26.10 19.32
CA ALA A 296 4.83 27.01 19.88
C ALA A 296 3.43 26.42 19.71
N PHE A 297 3.22 25.74 18.58
CA PHE A 297 1.93 25.11 18.29
C PHE A 297 1.77 23.85 19.14
N LEU A 298 2.81 23.01 19.12
CA LEU A 298 2.81 21.75 19.86
C LEU A 298 2.62 21.90 21.36
N GLU A 299 3.37 22.80 21.98
CA GLU A 299 3.25 22.98 23.41
C GLU A 299 1.83 23.36 23.80
N GLU A 300 1.14 24.05 22.90
CA GLU A 300 -0.22 24.51 23.15
C GLU A 300 -1.35 23.52 22.81
N TYR A 301 -1.23 22.85 21.68
CA TYR A 301 -2.28 21.94 21.21
C TYR A 301 -2.02 20.42 21.24
N MET A 302 -0.76 20.02 21.19
CA MET A 302 -0.40 18.61 21.20
C MET A 302 0.90 18.46 21.99
N PRO A 303 0.83 18.70 23.32
CA PRO A 303 1.99 18.62 24.22
C PRO A 303 2.78 17.32 24.27
N GLY A 304 2.11 16.18 24.18
CA GLY A 304 2.83 14.91 24.22
C GLY A 304 3.69 14.63 23.00
N ALA A 305 3.60 15.50 21.99
CA ALA A 305 4.38 15.35 20.76
C ALA A 305 5.47 16.40 20.66
N ASN A 306 5.71 17.11 21.76
CA ASN A 306 6.71 18.18 21.79
C ASN A 306 8.05 17.67 22.32
N GLY A 307 8.52 16.54 21.79
CA GLY A 307 9.79 15.98 22.25
C GLY A 307 10.97 16.41 21.40
N GLU A 308 12.03 15.61 21.44
CA GLU A 308 13.23 15.92 20.66
C GLU A 308 12.88 16.05 19.18
N LEU A 309 13.60 16.93 18.49
CA LEU A 309 13.40 17.11 17.06
C LEU A 309 14.19 15.97 16.42
N LYS A 310 13.49 15.04 15.79
CA LYS A 310 14.13 13.89 15.17
C LYS A 310 14.73 14.19 13.80
N ARG A 311 14.00 14.96 13.00
CA ARG A 311 14.45 15.29 11.67
C ARG A 311 13.74 16.55 11.18
N GLY A 312 14.47 17.38 10.44
CA GLY A 312 13.89 18.59 9.89
C GLY A 312 14.05 18.54 8.39
N ALA A 313 13.11 19.12 7.66
CA ALA A 313 13.18 19.15 6.20
C ALA A 313 12.81 20.54 5.69
N VAL A 314 13.37 20.90 4.54
CA VAL A 314 13.13 22.21 3.93
C VAL A 314 12.59 21.98 2.54
N CYS A 315 11.44 22.57 2.25
CA CYS A 315 10.83 22.37 0.96
C CYS A 315 10.18 23.67 0.46
N MET A 316 9.62 23.67 -0.75
CA MET A 316 9.08 24.91 -1.31
C MET A 316 7.64 24.91 -1.81
N TYR A 317 6.98 26.04 -1.61
CA TYR A 317 5.62 26.27 -2.11
C TYR A 317 5.88 27.28 -3.23
N THR A 318 4.98 27.34 -4.20
CA THR A 318 5.09 28.34 -5.27
C THR A 318 3.69 28.91 -5.32
N LYS A 319 3.50 30.10 -4.73
CA LYS A 319 2.19 30.73 -4.65
C LYS A 319 1.77 31.70 -5.74
N THR A 320 0.48 31.71 -6.01
CA THR A 320 -0.12 32.63 -6.96
C THR A 320 -0.78 33.65 -6.03
N LEU A 321 -1.23 34.77 -6.57
CA LEU A 321 -1.87 35.80 -5.75
C LEU A 321 -3.15 35.35 -5.05
N ASP A 322 -3.95 34.52 -5.73
CA ASP A 322 -5.19 34.05 -5.13
C ASP A 322 -5.04 32.64 -4.55
N GLU A 323 -3.81 32.13 -4.59
CA GLU A 323 -3.49 30.81 -4.07
C GLU A 323 -4.21 29.64 -4.73
N HIS A 324 -4.66 29.86 -5.96
CA HIS A 324 -5.32 28.82 -6.75
C HIS A 324 -4.35 28.42 -7.83
N PHE A 325 -4.42 27.16 -8.27
CA PHE A 325 -3.51 26.65 -9.28
C PHE A 325 -3.63 27.29 -10.66
N ILE A 326 -2.65 26.95 -11.50
CA ILE A 326 -2.63 27.39 -12.88
C ILE A 326 -2.53 26.10 -13.68
N ILE A 327 -3.60 25.76 -14.39
CA ILE A 327 -3.63 24.59 -15.23
C ILE A 327 -4.38 25.06 -16.46
N ASP A 328 -3.68 25.22 -17.57
CA ASP A 328 -4.33 25.75 -18.75
C ASP A 328 -3.37 25.73 -19.93
N LEU A 329 -3.89 26.06 -21.10
CA LEU A 329 -3.05 26.11 -22.27
C LEU A 329 -2.40 27.48 -22.28
N HIS A 330 -1.23 27.57 -22.90
CA HIS A 330 -0.52 28.83 -23.02
C HIS A 330 -1.46 29.71 -23.86
N PRO A 331 -1.70 30.96 -23.42
CA PRO A 331 -2.59 31.91 -24.12
C PRO A 331 -2.32 32.03 -25.61
N GLU A 332 -1.06 31.96 -26.01
CA GLU A 332 -0.69 32.11 -27.41
C GLU A 332 -0.20 30.83 -28.11
N HIS A 333 -0.18 29.71 -27.39
CA HIS A 333 0.29 28.46 -27.97
C HIS A 333 -0.55 27.30 -27.48
N SER A 334 -1.51 26.87 -28.29
CA SER A 334 -2.39 25.76 -27.91
C SER A 334 -1.63 24.43 -27.77
N ASN A 335 -0.39 24.39 -28.24
CA ASN A 335 0.39 23.17 -28.12
C ASN A 335 1.31 23.19 -26.91
N VAL A 336 1.05 24.13 -25.99
CA VAL A 336 1.82 24.25 -24.76
C VAL A 336 0.87 24.26 -23.56
N VAL A 337 1.12 23.38 -22.60
CA VAL A 337 0.32 23.26 -21.39
C VAL A 337 1.13 23.72 -20.17
N ILE A 338 0.52 24.55 -19.33
CA ILE A 338 1.20 25.05 -18.14
C ILE A 338 0.55 24.53 -16.86
N ALA A 339 1.38 24.06 -15.93
CA ALA A 339 0.91 23.54 -14.64
C ALA A 339 1.79 24.26 -13.63
N ALA A 340 1.24 25.24 -12.92
CA ALA A 340 2.06 25.99 -11.99
C ALA A 340 1.31 26.58 -10.79
N GLY A 341 2.11 27.13 -9.88
CA GLY A 341 1.60 27.77 -8.68
C GLY A 341 0.63 26.98 -7.83
N PHE A 342 1.00 25.77 -7.45
CA PHE A 342 0.13 24.93 -6.65
C PHE A 342 0.00 25.41 -5.20
N SER A 343 0.64 26.55 -4.93
CA SER A 343 0.56 27.24 -3.64
C SER A 343 0.59 26.44 -2.34
N GLY A 344 1.40 25.40 -2.26
CA GLY A 344 1.51 24.63 -1.03
C GLY A 344 0.42 23.61 -0.72
N HIS A 345 -0.51 23.37 -1.63
CA HIS A 345 -1.56 22.38 -1.37
C HIS A 345 -1.95 21.60 -2.62
N GLY A 346 -0.99 21.37 -3.50
CA GLY A 346 -1.31 20.67 -4.72
C GLY A 346 -0.96 19.19 -4.82
N PHE A 347 -0.18 18.63 -3.90
CA PHE A 347 0.16 17.23 -4.11
C PHE A 347 -1.01 16.25 -4.18
N LYS A 348 -1.96 16.41 -3.26
CA LYS A 348 -3.13 15.53 -3.23
C LYS A 348 -3.85 15.45 -4.57
N PHE A 349 -3.73 16.49 -5.38
CA PHE A 349 -4.38 16.57 -6.70
C PHE A 349 -3.52 16.11 -7.84
N SER A 350 -2.24 15.83 -7.58
CA SER A 350 -1.34 15.47 -8.66
C SER A 350 -1.80 14.32 -9.56
N SER A 351 -2.49 13.32 -9.00
CA SER A 351 -2.98 12.22 -9.83
C SER A 351 -4.03 12.75 -10.82
N GLY A 352 -4.96 13.56 -10.32
CA GLY A 352 -5.99 14.14 -11.17
C GLY A 352 -5.41 15.15 -12.16
N VAL A 353 -4.41 15.92 -11.71
CA VAL A 353 -3.81 16.91 -12.60
C VAL A 353 -3.07 16.20 -13.73
N GLY A 354 -2.47 15.06 -13.42
CA GLY A 354 -1.78 14.28 -14.45
C GLY A 354 -2.75 13.96 -15.57
N GLU A 355 -3.96 13.55 -15.19
CA GLU A 355 -4.99 13.22 -16.17
C GLU A 355 -5.40 14.44 -16.98
N VAL A 356 -5.61 15.57 -16.29
CA VAL A 356 -5.97 16.83 -16.92
C VAL A 356 -4.89 17.29 -17.91
N LEU A 357 -3.64 17.25 -17.49
CA LEU A 357 -2.57 17.69 -18.37
C LEU A 357 -2.49 16.79 -19.61
N SER A 358 -2.71 15.50 -19.41
CA SER A 358 -2.66 14.55 -20.52
C SER A 358 -3.72 14.92 -21.56
N GLN A 359 -4.93 15.16 -21.08
CA GLN A 359 -6.05 15.52 -21.95
C GLN A 359 -5.83 16.85 -22.67
N LEU A 360 -5.32 17.86 -21.97
CA LEU A 360 -5.05 19.15 -22.57
C LEU A 360 -3.97 19.02 -23.64
N ALA A 361 -2.92 18.28 -23.32
CA ALA A 361 -1.81 18.08 -24.25
C ALA A 361 -2.24 17.40 -25.53
N LEU A 362 -3.02 16.33 -25.40
CA LEU A 362 -3.47 15.56 -26.56
C LEU A 362 -4.64 16.15 -27.34
N THR A 363 -5.57 16.78 -26.64
CA THR A 363 -6.75 17.32 -27.30
C THR A 363 -6.96 18.83 -27.21
N GLY A 364 -6.26 19.47 -26.28
CA GLY A 364 -6.43 20.91 -26.12
C GLY A 364 -7.67 21.18 -25.31
N LYS A 365 -8.26 20.11 -24.77
CA LYS A 365 -9.46 20.20 -23.96
C LYS A 365 -9.44 19.11 -22.90
N THR A 366 -10.22 19.30 -21.85
CA THR A 366 -10.31 18.30 -20.79
C THR A 366 -11.75 18.16 -20.34
N GLU A 367 -12.13 16.96 -19.93
CA GLU A 367 -13.49 16.70 -19.47
C GLU A 367 -13.70 17.31 -18.08
N HIS A 368 -12.60 17.64 -17.42
CA HIS A 368 -12.66 18.24 -16.08
C HIS A 368 -13.02 19.71 -16.19
N ASP A 369 -13.61 20.28 -15.14
CA ASP A 369 -13.92 21.69 -15.14
C ASP A 369 -12.72 22.34 -14.45
N ILE A 370 -11.91 23.06 -15.21
CA ILE A 370 -10.71 23.69 -14.65
C ILE A 370 -10.72 25.22 -14.81
N SER A 371 -11.90 25.80 -14.97
CA SER A 371 -12.00 27.24 -15.15
C SER A 371 -11.42 28.03 -13.99
N ILE A 372 -11.54 27.51 -12.76
CA ILE A 372 -11.00 28.25 -11.62
C ILE A 372 -9.48 28.30 -11.63
N PHE A 373 -8.85 27.50 -12.50
CA PHE A 373 -7.39 27.47 -12.61
C PHE A 373 -6.94 28.14 -13.91
N SER A 374 -7.83 28.91 -14.53
CA SER A 374 -7.52 29.58 -15.79
C SER A 374 -6.31 30.51 -15.69
N ILE A 375 -5.47 30.45 -16.72
CA ILE A 375 -4.26 31.26 -16.78
C ILE A 375 -4.59 32.70 -17.15
N ASN A 376 -5.82 32.94 -17.59
CA ASN A 376 -6.25 34.28 -17.98
C ASN A 376 -7.13 34.97 -16.94
N ARG A 377 -7.39 34.31 -15.81
CA ARG A 377 -8.23 34.91 -14.79
C ARG A 377 -7.61 36.18 -14.20
N PRO A 378 -8.43 37.20 -13.95
CA PRO A 378 -8.01 38.49 -13.39
C PRO A 378 -7.21 38.46 -12.08
N ALA A 379 -7.67 37.69 -11.10
CA ALA A 379 -7.00 37.61 -9.80
C ALA A 379 -5.55 37.12 -9.89
N LEU A 380 -5.19 36.62 -11.07
CA LEU A 380 -3.84 36.10 -11.28
C LEU A 380 -2.87 37.21 -11.66
N LYS A 381 -3.36 38.19 -12.42
CA LYS A 381 -2.57 39.33 -12.90
C LYS A 381 -1.67 38.92 -14.06
N GLU A 382 -2.11 37.95 -14.84
CA GLU A 382 -1.32 37.46 -15.96
C GLU A 382 -1.26 38.36 -17.18
N SER A 383 -0.04 38.48 -17.70
CA SER A 383 0.25 39.25 -18.89
C SER A 383 1.37 38.45 -19.54
N SER B 1 1.28 -12.82 37.30
CA SER B 1 0.77 -13.13 35.93
C SER B 1 -0.67 -12.64 35.76
N THR B 2 -1.07 -12.43 34.52
CA THR B 2 -2.42 -11.96 34.22
C THR B 2 -3.33 -13.05 33.65
N HIS B 3 -4.61 -12.92 33.97
CA HIS B 3 -5.62 -13.82 33.44
C HIS B 3 -6.21 -13.00 32.29
N PHE B 4 -6.15 -13.55 31.08
CA PHE B 4 -6.64 -12.85 29.90
C PHE B 4 -8.04 -13.31 29.47
N ASP B 5 -8.57 -12.65 28.45
CA ASP B 5 -9.87 -13.01 27.89
C ASP B 5 -9.59 -14.15 26.91
N VAL B 6 -8.58 -13.94 26.08
CA VAL B 6 -8.18 -14.92 25.07
C VAL B 6 -6.68 -15.01 24.93
N ILE B 7 -6.18 -16.23 24.79
CA ILE B 7 -4.77 -16.47 24.60
C ILE B 7 -4.64 -17.11 23.22
N VAL B 8 -3.77 -16.54 22.39
CA VAL B 8 -3.52 -17.06 21.06
C VAL B 8 -2.12 -17.64 21.10
N VAL B 9 -2.02 -18.95 20.91
CA VAL B 9 -0.72 -19.63 20.93
C VAL B 9 -0.31 -19.77 19.47
N GLY B 10 0.74 -19.05 19.10
CA GLY B 10 1.21 -19.08 17.72
C GLY B 10 0.70 -17.82 17.06
N ALA B 11 1.49 -16.75 17.12
CA ALA B 11 1.09 -15.47 16.56
C ALA B 11 1.65 -15.28 15.15
N GLY B 12 1.33 -16.23 14.28
CA GLY B 12 1.79 -16.15 12.90
C GLY B 12 0.73 -15.62 11.95
N SER B 13 0.64 -16.22 10.78
CA SER B 13 -0.34 -15.81 9.77
C SER B 13 -1.75 -15.77 10.31
N MET B 14 -2.19 -16.87 10.89
CA MET B 14 -3.54 -17.00 11.43
C MET B 14 -3.69 -16.37 12.80
N GLY B 15 -2.72 -16.63 13.68
CA GLY B 15 -2.76 -16.11 15.03
C GLY B 15 -2.70 -14.60 15.19
N MET B 16 -1.85 -13.93 14.41
CA MET B 16 -1.73 -12.49 14.53
C MET B 16 -2.98 -11.82 13.98
N ALA B 17 -3.57 -12.42 12.96
CA ALA B 17 -4.78 -11.88 12.37
C ALA B 17 -5.88 -11.97 13.44
N ALA B 18 -5.94 -13.11 14.10
CA ALA B 18 -6.92 -13.35 15.16
C ALA B 18 -6.71 -12.35 16.30
N GLY B 19 -5.45 -12.11 16.65
CA GLY B 19 -5.13 -11.18 17.70
C GLY B 19 -5.60 -9.76 17.39
N TYR B 20 -5.53 -9.37 16.11
CA TYR B 20 -5.96 -8.04 15.70
C TYR B 20 -7.48 -7.90 15.79
N GLN B 21 -8.20 -8.87 15.22
CA GLN B 21 -9.66 -8.83 15.25
C GLN B 21 -10.15 -8.79 16.70
N LEU B 22 -9.43 -9.45 17.59
CA LEU B 22 -9.79 -9.47 19.01
C LEU B 22 -9.43 -8.16 19.71
N ALA B 23 -8.18 -7.74 19.58
CA ALA B 23 -7.74 -6.50 20.21
C ALA B 23 -8.61 -5.33 19.77
N LYS B 24 -8.99 -5.33 18.50
CA LYS B 24 -9.82 -4.27 17.92
C LYS B 24 -11.16 -4.15 18.64
N GLN B 25 -11.61 -5.23 19.26
CA GLN B 25 -12.90 -5.26 19.95
C GLN B 25 -12.80 -5.02 21.46
N GLY B 26 -11.61 -4.70 21.94
CA GLY B 26 -11.45 -4.48 23.37
C GLY B 26 -11.26 -5.78 24.14
N VAL B 27 -10.98 -6.85 23.42
CA VAL B 27 -10.77 -8.15 24.03
C VAL B 27 -9.34 -8.24 24.56
N LYS B 28 -9.19 -8.45 25.87
CA LYS B 28 -7.88 -8.55 26.50
C LYS B 28 -7.20 -9.80 25.98
N THR B 29 -6.25 -9.61 25.06
CA THR B 29 -5.56 -10.72 24.42
C THR B 29 -4.07 -10.87 24.71
N LEU B 30 -3.62 -12.12 24.73
CA LEU B 30 -2.21 -12.45 24.92
C LEU B 30 -1.83 -13.30 23.72
N LEU B 31 -0.75 -12.92 23.06
CA LEU B 31 -0.27 -13.63 21.89
C LEU B 31 1.12 -14.17 22.22
N VAL B 32 1.26 -15.49 22.17
CA VAL B 32 2.53 -16.13 22.46
C VAL B 32 3.11 -16.76 21.21
N ASP B 33 4.41 -16.54 21.01
CA ASP B 33 5.08 -17.10 19.84
C ASP B 33 6.48 -17.57 20.18
N ALA B 34 6.88 -18.69 19.59
CA ALA B 34 8.19 -19.27 19.82
C ALA B 34 9.29 -18.36 19.30
N PHE B 35 8.94 -17.51 18.35
CA PHE B 35 9.91 -16.58 17.77
C PHE B 35 9.47 -15.13 17.88
N ASP B 36 9.89 -14.30 16.92
CA ASP B 36 9.57 -12.89 16.92
C ASP B 36 8.91 -12.54 15.59
N PRO B 37 7.58 -12.75 15.48
CA PRO B 37 6.81 -12.46 14.26
C PRO B 37 6.77 -11.01 13.78
N PRO B 38 6.89 -10.81 12.46
CA PRO B 38 7.06 -11.87 11.47
C PRO B 38 8.52 -12.31 11.44
N HIS B 39 8.76 -13.59 11.20
CA HIS B 39 10.11 -14.14 11.18
C HIS B 39 10.31 -15.07 9.99
N THR B 40 11.46 -15.73 9.96
CA THR B 40 11.79 -16.63 8.87
C THR B 40 11.89 -18.09 9.29
N ASN B 41 11.26 -18.43 10.41
CA ASN B 41 11.29 -19.80 10.92
C ASN B 41 9.97 -20.54 10.74
N GLY B 42 8.92 -19.82 10.34
CA GLY B 42 7.61 -20.44 10.16
C GLY B 42 7.21 -20.68 8.71
N SER B 43 5.97 -20.32 8.39
CA SER B 43 5.43 -20.51 7.03
C SER B 43 5.03 -19.20 6.34
N HIS B 44 5.38 -18.05 6.92
CA HIS B 44 4.96 -16.77 6.34
C HIS B 44 5.99 -15.86 5.69
N HIS B 45 7.25 -16.28 5.58
CA HIS B 45 8.24 -15.41 4.97
C HIS B 45 8.42 -15.69 3.47
N GLY B 46 9.27 -14.89 2.84
CA GLY B 46 9.48 -15.03 1.40
C GLY B 46 8.89 -13.80 0.72
N ASP B 47 8.51 -12.82 1.55
CA ASP B 47 7.95 -11.55 1.12
C ASP B 47 6.54 -11.54 0.54
N THR B 48 6.30 -12.41 -0.44
CA THR B 48 5.02 -12.42 -1.15
C THR B 48 4.16 -13.67 -1.13
N ARG B 49 2.86 -13.46 -1.28
CA ARG B 49 1.90 -14.56 -1.28
C ARG B 49 0.80 -14.28 -2.31
N ILE B 50 0.41 -15.32 -3.04
CA ILE B 50 -0.62 -15.19 -4.05
C ILE B 50 -2.00 -15.28 -3.41
N ILE B 51 -2.94 -14.45 -3.86
CA ILE B 51 -4.30 -14.58 -3.39
C ILE B 51 -5.13 -14.73 -4.66
N ARG B 52 -5.88 -15.82 -4.72
CA ARG B 52 -6.75 -16.12 -5.86
C ARG B 52 -8.17 -16.14 -5.34
N HIS B 53 -9.14 -15.91 -6.23
CA HIS B 53 -10.53 -15.94 -5.81
C HIS B 53 -11.17 -17.19 -6.42
N ALA B 54 -11.16 -17.30 -7.75
CA ALA B 54 -11.68 -18.49 -8.41
C ALA B 54 -10.67 -19.49 -7.87
N TYR B 55 -11.15 -20.55 -7.22
CA TYR B 55 -10.25 -21.48 -6.57
C TYR B 55 -10.23 -22.93 -7.06
N GLY B 56 -9.12 -23.29 -7.71
CA GLY B 56 -8.94 -24.63 -8.25
C GLY B 56 -8.95 -25.76 -7.24
N GLU B 57 -8.59 -25.47 -5.99
CA GLU B 57 -8.59 -26.50 -4.95
C GLU B 57 -10.03 -26.85 -4.57
N GLY B 58 -10.97 -26.01 -4.96
CA GLY B 58 -12.36 -26.25 -4.64
C GLY B 58 -13.16 -24.97 -4.59
N ARG B 59 -14.26 -24.94 -5.33
CA ARG B 59 -15.13 -23.77 -5.40
C ARG B 59 -15.65 -23.35 -4.02
N GLU B 60 -15.65 -24.28 -3.07
CA GLU B 60 -16.16 -23.97 -1.74
C GLU B 60 -15.29 -22.96 -0.97
N TYR B 61 -14.10 -22.68 -1.50
CA TYR B 61 -13.18 -21.74 -0.89
C TYR B 61 -13.45 -20.29 -1.30
N VAL B 62 -14.19 -20.11 -2.39
CA VAL B 62 -14.45 -18.76 -2.92
C VAL B 62 -15.01 -17.76 -1.92
N PRO B 63 -16.07 -18.12 -1.17
CA PRO B 63 -16.61 -17.15 -0.21
C PRO B 63 -15.57 -16.59 0.77
N LEU B 64 -14.77 -17.47 1.35
CA LEU B 64 -13.75 -17.03 2.32
C LEU B 64 -12.65 -16.22 1.64
N ALA B 65 -12.33 -16.58 0.40
CA ALA B 65 -11.31 -15.86 -0.35
C ALA B 65 -11.79 -14.44 -0.64
N LEU B 66 -13.08 -14.31 -0.97
CA LEU B 66 -13.64 -13.00 -1.27
C LEU B 66 -13.71 -12.14 -0.01
N ARG B 67 -14.08 -12.75 1.11
CA ARG B 67 -14.16 -12.03 2.38
C ARG B 67 -12.74 -11.62 2.76
N SER B 68 -11.80 -12.52 2.55
CA SER B 68 -10.40 -12.25 2.87
C SER B 68 -9.90 -11.05 2.09
N GLN B 69 -10.25 -10.98 0.80
CA GLN B 69 -9.82 -9.87 -0.04
C GLN B 69 -10.36 -8.55 0.50
N GLU B 70 -11.63 -8.52 0.89
CA GLU B 70 -12.21 -7.30 1.45
C GLU B 70 -11.38 -6.85 2.66
N LEU B 71 -11.08 -7.81 3.54
CA LEU B 71 -10.30 -7.53 4.75
C LEU B 71 -8.88 -7.09 4.46
N TRP B 72 -8.30 -7.58 3.37
CA TRP B 72 -6.94 -7.16 3.01
C TRP B 72 -7.00 -5.70 2.59
N TYR B 73 -8.05 -5.30 1.87
CA TYR B 73 -8.17 -3.91 1.46
C TYR B 73 -8.38 -3.02 2.69
N GLU B 74 -9.05 -3.54 3.71
CA GLU B 74 -9.28 -2.77 4.94
C GLU B 74 -7.93 -2.55 5.62
N LEU B 75 -7.12 -3.60 5.70
CA LEU B 75 -5.82 -3.49 6.35
C LEU B 75 -4.90 -2.50 5.66
N GLU B 76 -4.92 -2.52 4.33
CA GLU B 76 -4.10 -1.62 3.52
C GLU B 76 -4.36 -0.16 3.94
N LYS B 77 -5.62 0.15 4.19
CA LYS B 77 -6.01 1.50 4.58
C LYS B 77 -5.68 1.82 6.03
N GLU B 78 -5.42 0.79 6.83
CA GLU B 78 -5.14 0.99 8.25
C GLU B 78 -3.67 1.16 8.62
N THR B 79 -2.77 0.63 7.80
CA THR B 79 -1.33 0.70 8.10
C THR B 79 -0.51 1.45 7.04
N HIS B 80 0.78 1.68 7.32
CA HIS B 80 1.66 2.35 6.38
C HIS B 80 2.45 1.31 5.59
N HIS B 81 2.33 0.05 6.00
CA HIS B 81 3.01 -1.05 5.32
C HIS B 81 2.22 -1.46 4.09
N LYS B 82 2.93 -1.82 3.01
CA LYS B 82 2.26 -2.24 1.79
C LYS B 82 1.64 -3.62 2.01
N ILE B 83 0.36 -3.76 1.67
CA ILE B 83 -0.33 -5.03 1.87
C ILE B 83 -0.65 -5.83 0.61
N PHE B 84 -1.19 -5.16 -0.41
CA PHE B 84 -1.64 -5.86 -1.62
C PHE B 84 -1.42 -5.10 -2.92
N THR B 85 -1.06 -5.84 -3.97
CA THR B 85 -0.87 -5.27 -5.30
C THR B 85 -1.68 -6.17 -6.23
N LYS B 86 -2.56 -5.56 -7.02
CA LYS B 86 -3.43 -6.28 -7.94
C LYS B 86 -2.72 -6.69 -9.22
N THR B 87 -1.85 -7.69 -9.12
CA THR B 87 -1.10 -8.18 -10.29
C THR B 87 -1.96 -9.00 -11.23
N GLY B 88 -3.02 -9.58 -10.68
CA GLY B 88 -3.87 -10.45 -11.46
C GLY B 88 -3.21 -11.80 -11.31
N VAL B 89 -3.95 -12.88 -11.50
CA VAL B 89 -3.35 -14.21 -11.39
C VAL B 89 -3.72 -15.09 -12.57
N LEU B 90 -2.70 -15.64 -13.23
CA LEU B 90 -2.90 -16.51 -14.38
C LEU B 90 -2.79 -17.97 -13.99
N VAL B 91 -3.74 -18.78 -14.47
CA VAL B 91 -3.76 -20.21 -14.21
C VAL B 91 -3.85 -20.91 -15.56
N PHE B 92 -2.91 -21.83 -15.83
CA PHE B 92 -2.95 -22.56 -17.09
C PHE B 92 -2.49 -24.01 -16.94
N GLY B 93 -2.72 -24.80 -17.99
CA GLY B 93 -2.34 -26.20 -17.97
C GLY B 93 -2.77 -26.87 -19.27
N PRO B 94 -2.41 -28.14 -19.48
CA PRO B 94 -2.82 -28.81 -20.73
C PRO B 94 -4.35 -28.82 -20.78
N LYS B 95 -4.92 -28.54 -21.93
CA LYS B 95 -6.38 -28.52 -22.06
C LYS B 95 -7.00 -29.88 -21.76
N GLY B 96 -7.90 -29.91 -20.78
CA GLY B 96 -8.58 -31.14 -20.40
C GLY B 96 -7.74 -32.12 -19.63
N GLU B 97 -6.57 -31.71 -19.17
CA GLU B 97 -5.70 -32.58 -18.41
C GLU B 97 -5.32 -32.03 -17.05
N SER B 98 -6.05 -31.03 -16.60
CA SER B 98 -5.78 -30.43 -15.30
C SER B 98 -7.06 -30.21 -14.51
N ALA B 99 -7.23 -30.99 -13.45
CA ALA B 99 -8.40 -30.85 -12.60
C ALA B 99 -8.38 -29.46 -11.96
N PHE B 100 -7.17 -28.96 -11.69
CA PHE B 100 -7.00 -27.65 -11.06
C PHE B 100 -7.49 -26.52 -11.95
N VAL B 101 -7.18 -26.59 -13.24
CA VAL B 101 -7.62 -25.56 -14.17
C VAL B 101 -9.13 -25.64 -14.33
N ALA B 102 -9.63 -26.86 -14.43
CA ALA B 102 -11.06 -27.11 -14.59
C ALA B 102 -11.87 -26.57 -13.42
N GLU B 103 -11.43 -26.87 -12.20
CA GLU B 103 -12.15 -26.39 -11.02
C GLU B 103 -12.05 -24.87 -10.87
N THR B 104 -10.94 -24.28 -11.33
CA THR B 104 -10.79 -22.83 -11.25
C THR B 104 -11.86 -22.22 -12.16
N MET B 105 -12.01 -22.79 -13.35
CA MET B 105 -13.00 -22.31 -14.30
C MET B 105 -14.42 -22.47 -13.76
N GLU B 106 -14.73 -23.64 -13.21
CA GLU B 106 -16.06 -23.89 -12.65
C GLU B 106 -16.37 -22.92 -11.52
N ALA B 107 -15.40 -22.72 -10.62
CA ALA B 107 -15.59 -21.82 -9.49
C ALA B 107 -15.88 -20.40 -9.97
N ALA B 108 -15.21 -19.99 -11.05
CA ALA B 108 -15.39 -18.65 -11.60
C ALA B 108 -16.82 -18.51 -12.13
N LYS B 109 -17.34 -19.57 -12.74
CA LYS B 109 -18.70 -19.55 -13.26
C LYS B 109 -19.72 -19.58 -12.13
N GLU B 110 -19.52 -20.49 -11.18
CA GLU B 110 -20.40 -20.65 -10.03
C GLU B 110 -20.58 -19.35 -9.25
N HIS B 111 -19.53 -18.55 -9.17
CA HIS B 111 -19.61 -17.31 -8.42
C HIS B 111 -19.57 -16.07 -9.30
N SER B 112 -19.74 -16.28 -10.61
CA SER B 112 -19.73 -15.21 -11.60
C SER B 112 -18.60 -14.21 -11.38
N LEU B 113 -17.37 -14.71 -11.39
CA LEU B 113 -16.20 -13.86 -11.19
C LEU B 113 -15.74 -13.30 -12.52
N THR B 114 -15.07 -12.16 -12.48
CA THR B 114 -14.57 -11.53 -13.69
C THR B 114 -13.29 -12.22 -14.09
N VAL B 115 -13.32 -12.93 -15.21
CA VAL B 115 -12.15 -13.65 -15.68
C VAL B 115 -12.02 -13.64 -17.20
N ASP B 116 -10.80 -13.84 -17.68
CA ASP B 116 -10.51 -13.90 -19.10
C ASP B 116 -10.12 -15.35 -19.39
N LEU B 117 -10.64 -15.88 -20.49
CA LEU B 117 -10.34 -17.25 -20.88
C LEU B 117 -9.53 -17.21 -22.17
N LEU B 118 -8.38 -17.85 -22.17
CA LEU B 118 -7.57 -17.88 -23.37
C LEU B 118 -6.87 -19.23 -23.52
N GLU B 119 -6.39 -19.51 -24.72
CA GLU B 119 -5.73 -20.78 -24.96
C GLU B 119 -4.66 -20.70 -26.03
N GLY B 120 -3.70 -21.61 -25.95
CA GLY B 120 -2.61 -21.68 -26.91
C GLY B 120 -1.88 -20.38 -27.13
N ASP B 121 -1.65 -20.07 -28.40
CA ASP B 121 -0.94 -18.89 -28.86
C ASP B 121 -1.34 -17.60 -28.13
N GLU B 122 -2.62 -17.50 -27.75
CA GLU B 122 -3.12 -16.30 -27.08
C GLU B 122 -2.42 -15.96 -25.77
N ILE B 123 -2.00 -16.99 -25.03
CA ILE B 123 -1.32 -16.80 -23.75
C ILE B 123 0.02 -16.15 -24.01
N ASN B 124 0.76 -16.73 -24.96
CA ASN B 124 2.08 -16.24 -25.34
C ASN B 124 1.99 -14.81 -25.87
N LYS B 125 0.95 -14.52 -26.65
CA LYS B 125 0.75 -13.20 -27.23
C LYS B 125 0.40 -12.13 -26.19
N ARG B 126 -0.47 -12.47 -25.24
CA ARG B 126 -0.83 -11.50 -24.21
C ARG B 126 0.33 -11.21 -23.25
N TRP B 127 1.05 -12.25 -22.83
CA TRP B 127 2.17 -12.04 -21.92
C TRP B 127 3.49 -12.55 -22.46
N PRO B 128 4.29 -11.66 -23.05
CA PRO B 128 5.59 -12.12 -23.57
C PRO B 128 6.37 -12.59 -22.35
N GLY B 129 7.11 -13.68 -22.50
CA GLY B 129 7.87 -14.21 -21.39
C GLY B 129 7.31 -15.56 -21.03
N ILE B 130 6.08 -15.81 -21.48
CA ILE B 130 5.43 -17.10 -21.23
C ILE B 130 5.37 -17.89 -22.54
N THR B 131 5.85 -19.12 -22.49
CA THR B 131 5.85 -19.98 -23.68
C THR B 131 5.24 -21.33 -23.36
N VAL B 132 3.96 -21.50 -23.70
CA VAL B 132 3.27 -22.75 -23.45
C VAL B 132 2.88 -23.42 -24.76
N PRO B 133 2.76 -24.77 -24.74
CA PRO B 133 2.40 -25.52 -25.94
C PRO B 133 1.03 -25.04 -26.43
N GLU B 134 0.72 -25.33 -27.69
CA GLU B 134 -0.56 -24.91 -28.27
C GLU B 134 -1.79 -25.59 -27.66
N ASN B 135 -1.59 -26.71 -26.98
CA ASN B 135 -2.71 -27.45 -26.39
C ASN B 135 -3.04 -27.00 -24.96
N TYR B 136 -2.45 -25.90 -24.52
CA TYR B 136 -2.71 -25.40 -23.18
C TYR B 136 -3.82 -24.35 -23.20
N ASN B 137 -4.57 -24.27 -22.11
CA ASN B 137 -5.60 -23.27 -22.01
C ASN B 137 -5.41 -22.58 -20.66
N ALA B 138 -6.03 -21.43 -20.49
CA ALA B 138 -5.85 -20.69 -19.25
C ALA B 138 -7.05 -19.87 -18.84
N ILE B 139 -7.02 -19.42 -17.59
CA ILE B 139 -8.06 -18.56 -17.04
C ILE B 139 -7.33 -17.51 -16.21
N PHE B 140 -7.57 -16.25 -16.54
CA PHE B 140 -6.91 -15.14 -15.88
C PHE B 140 -7.90 -14.38 -15.00
N GLU B 141 -7.47 -14.09 -13.77
CA GLU B 141 -8.28 -13.33 -12.80
C GLU B 141 -7.67 -11.96 -12.62
N PRO B 142 -8.23 -10.94 -13.28
CA PRO B 142 -7.72 -9.57 -13.19
C PRO B 142 -7.66 -9.00 -11.78
N ASN B 143 -8.65 -9.35 -10.96
CA ASN B 143 -8.77 -8.83 -9.60
C ASN B 143 -7.97 -9.53 -8.51
N SER B 144 -7.34 -10.65 -8.85
CA SER B 144 -6.55 -11.36 -7.86
C SER B 144 -5.18 -10.69 -7.82
N GLY B 145 -4.32 -11.10 -6.91
CA GLY B 145 -3.02 -10.45 -6.84
C GLY B 145 -2.02 -11.01 -5.86
N VAL B 146 -1.19 -10.13 -5.34
CA VAL B 146 -0.13 -10.49 -4.44
C VAL B 146 -0.14 -9.73 -3.11
N LEU B 147 0.01 -10.50 -2.04
CA LEU B 147 0.03 -9.96 -0.68
C LEU B 147 1.48 -9.98 -0.20
N PHE B 148 1.84 -8.98 0.62
CA PHE B 148 3.18 -8.91 1.19
C PHE B 148 3.01 -9.42 2.61
N SER B 149 3.08 -10.74 2.72
CA SER B 149 2.88 -11.49 3.95
C SER B 149 3.54 -11.00 5.22
N GLU B 150 4.84 -10.70 5.14
CA GLU B 150 5.55 -10.23 6.30
C GLU B 150 5.01 -8.88 6.74
N ASN B 151 4.59 -8.06 5.76
CA ASN B 151 4.03 -6.76 6.06
C ASN B 151 2.66 -6.92 6.72
N CYS B 152 1.90 -7.91 6.25
CA CYS B 152 0.57 -8.18 6.79
C CYS B 152 0.63 -8.50 8.28
N ILE B 153 1.50 -9.44 8.64
CA ILE B 153 1.64 -9.85 10.04
C ILE B 153 2.16 -8.71 10.90
N ARG B 154 3.18 -8.01 10.41
CA ARG B 154 3.76 -6.88 11.13
C ARG B 154 2.70 -5.80 11.36
N ALA B 155 1.88 -5.55 10.35
CA ALA B 155 0.82 -4.56 10.46
C ALA B 155 -0.18 -5.03 11.52
N TYR B 156 -0.64 -6.27 11.41
CA TYR B 156 -1.59 -6.82 12.38
C TYR B 156 -1.01 -6.71 13.79
N ARG B 157 0.24 -7.11 13.95
CA ARG B 157 0.88 -7.04 15.26
C ARG B 157 0.89 -5.61 15.80
N GLU B 158 1.43 -4.68 15.02
CA GLU B 158 1.49 -3.28 15.42
C GLU B 158 0.14 -2.72 15.85
N LEU B 159 -0.89 -2.97 15.06
CA LEU B 159 -2.23 -2.49 15.36
C LEU B 159 -2.79 -3.15 16.61
N ALA B 160 -2.51 -4.44 16.77
CA ALA B 160 -2.99 -5.18 17.92
C ALA B 160 -2.37 -4.63 19.20
N GLU B 161 -1.04 -4.53 19.23
CA GLU B 161 -0.35 -4.03 20.41
C GLU B 161 -0.79 -2.61 20.76
N ALA B 162 -0.92 -1.76 19.74
CA ALA B 162 -1.36 -0.39 19.97
C ALA B 162 -2.69 -0.40 20.72
N ARG B 163 -3.48 -1.45 20.51
CA ARG B 163 -4.77 -1.53 21.17
C ARG B 163 -4.80 -2.36 22.45
N GLY B 164 -3.64 -2.55 23.06
CA GLY B 164 -3.56 -3.28 24.31
C GLY B 164 -3.18 -4.75 24.27
N ALA B 165 -2.99 -5.31 23.09
CA ALA B 165 -2.64 -6.72 22.99
C ALA B 165 -1.21 -6.94 23.47
N LYS B 166 -1.00 -8.02 24.21
CA LYS B 166 0.33 -8.34 24.73
C LYS B 166 0.94 -9.46 23.91
N VAL B 167 2.15 -9.22 23.41
CA VAL B 167 2.86 -10.21 22.59
C VAL B 167 4.12 -10.75 23.24
N LEU B 168 4.12 -12.04 23.53
CA LEU B 168 5.28 -12.69 24.12
C LEU B 168 6.07 -13.35 23.01
N THR B 169 7.29 -12.89 22.80
CA THR B 169 8.15 -13.45 21.76
C THR B 169 9.14 -14.41 22.39
N HIS B 170 9.71 -15.28 21.56
CA HIS B 170 10.69 -16.25 22.03
C HIS B 170 10.21 -17.01 23.26
N THR B 171 8.95 -17.43 23.21
CA THR B 171 8.35 -18.19 24.31
C THR B 171 7.57 -19.36 23.71
N ARG B 172 8.09 -20.56 23.91
CA ARG B 172 7.49 -21.77 23.37
C ARG B 172 6.55 -22.48 24.35
N VAL B 173 5.27 -22.58 23.97
CA VAL B 173 4.29 -23.27 24.81
C VAL B 173 4.59 -24.77 24.72
N GLU B 174 4.61 -25.43 25.88
CA GLU B 174 4.90 -26.87 25.95
C GLU B 174 3.68 -27.70 26.27
N ASP B 175 2.72 -27.12 26.97
CA ASP B 175 1.55 -27.90 27.35
C ASP B 175 0.33 -27.04 27.60
N PHE B 176 -0.82 -27.69 27.73
CA PHE B 176 -2.08 -27.00 27.98
C PHE B 176 -2.83 -27.64 29.15
N ASP B 177 -3.65 -26.85 29.82
CA ASP B 177 -4.47 -27.33 30.92
C ASP B 177 -5.84 -26.68 30.72
N ILE B 178 -6.74 -27.44 30.09
CA ILE B 178 -8.07 -26.93 29.81
C ILE B 178 -9.09 -27.33 30.87
N SER B 179 -9.92 -26.37 31.25
CA SER B 179 -10.97 -26.60 32.24
C SER B 179 -12.27 -26.17 31.58
N PRO B 180 -13.40 -26.58 32.15
CA PRO B 180 -14.71 -26.21 31.59
C PRO B 180 -14.93 -24.71 31.47
N ASP B 181 -14.28 -23.93 32.33
CA ASP B 181 -14.45 -22.48 32.35
C ASP B 181 -13.13 -21.71 32.41
N SER B 182 -12.06 -22.34 31.94
CA SER B 182 -10.75 -21.72 31.97
C SER B 182 -9.75 -22.48 31.11
N VAL B 183 -8.74 -21.75 30.61
CA VAL B 183 -7.69 -22.37 29.81
C VAL B 183 -6.37 -21.87 30.38
N LYS B 184 -5.37 -22.74 30.37
CA LYS B 184 -4.06 -22.37 30.91
C LYS B 184 -2.98 -22.97 30.02
N ILE B 185 -1.91 -22.22 29.78
CA ILE B 185 -0.83 -22.71 28.95
C ILE B 185 0.48 -22.80 29.73
N GLU B 186 1.26 -23.83 29.43
CA GLU B 186 2.54 -24.05 30.09
C GLU B 186 3.69 -23.79 29.12
N THR B 187 4.55 -22.84 29.47
CA THR B 187 5.70 -22.52 28.63
C THR B 187 6.96 -22.89 29.40
N ALA B 188 8.11 -22.76 28.75
CA ALA B 188 9.36 -23.05 29.44
C ALA B 188 9.51 -21.93 30.46
N ASN B 189 9.04 -20.74 30.05
CA ASN B 189 9.10 -19.53 30.87
C ASN B 189 8.22 -19.61 32.13
N GLY B 190 6.94 -19.89 31.95
CA GLY B 190 6.02 -19.98 33.07
C GLY B 190 4.63 -20.48 32.69
N SER B 191 3.60 -19.77 33.12
CA SER B 191 2.22 -20.16 32.83
C SER B 191 1.27 -18.98 32.75
N TYR B 192 0.26 -19.10 31.90
CA TYR B 192 -0.73 -18.05 31.70
C TYR B 192 -2.12 -18.64 31.59
N THR B 193 -3.12 -17.84 31.94
CA THR B 193 -4.51 -18.29 31.92
C THR B 193 -5.43 -17.34 31.19
N ALA B 194 -6.58 -17.86 30.76
CA ALA B 194 -7.58 -17.07 30.05
C ALA B 194 -8.92 -17.80 30.00
N ASP B 195 -9.90 -17.16 29.36
CA ASP B 195 -11.24 -17.74 29.22
C ASP B 195 -11.35 -18.55 27.92
N LYS B 196 -10.61 -18.12 26.91
CA LYS B 196 -10.63 -18.79 25.61
C LYS B 196 -9.21 -18.99 25.08
N LEU B 197 -9.04 -20.00 24.24
CA LEU B 197 -7.75 -20.31 23.67
C LEU B 197 -7.86 -20.54 22.16
N ILE B 198 -6.90 -19.99 21.43
CA ILE B 198 -6.84 -20.18 19.99
C ILE B 198 -5.48 -20.81 19.74
N VAL B 199 -5.48 -21.94 19.05
CA VAL B 199 -4.25 -22.66 18.77
C VAL B 199 -3.96 -22.60 17.28
N SER B 200 -2.88 -21.91 16.93
CA SER B 200 -2.47 -21.72 15.54
C SER B 200 -0.95 -21.72 15.47
N MET B 201 -0.36 -22.88 15.75
CA MET B 201 1.09 -23.03 15.76
C MET B 201 1.74 -23.46 14.45
N GLY B 202 1.02 -23.34 13.34
CA GLY B 202 1.59 -23.71 12.05
C GLY B 202 2.11 -25.13 11.95
N ALA B 203 3.36 -25.29 11.50
CA ALA B 203 3.95 -26.61 11.35
C ALA B 203 4.08 -27.38 12.67
N TRP B 204 4.21 -26.64 13.77
CA TRP B 204 4.33 -27.27 15.08
C TRP B 204 3.02 -27.85 15.58
N ASN B 205 1.94 -27.59 14.86
CA ASN B 205 0.64 -28.16 15.22
C ASN B 205 0.78 -29.67 15.10
N SER B 206 1.66 -30.10 14.17
CA SER B 206 1.89 -31.51 13.96
C SER B 206 2.62 -32.16 15.14
N LYS B 207 3.18 -31.34 16.03
CA LYS B 207 3.91 -31.86 17.18
C LYS B 207 3.23 -31.63 18.52
N LEU B 208 2.42 -30.59 18.63
CA LEU B 208 1.79 -30.26 19.90
C LEU B 208 0.28 -30.44 20.07
N LEU B 209 -0.42 -30.85 19.02
CA LEU B 209 -1.87 -31.02 19.16
C LEU B 209 -2.23 -32.24 20.01
N SER B 210 -1.28 -33.14 20.21
CA SER B 210 -1.53 -34.33 21.02
C SER B 210 -1.64 -33.88 22.48
N LYS B 211 -1.10 -32.70 22.78
CA LYS B 211 -1.15 -32.15 24.13
C LYS B 211 -2.58 -31.69 24.41
N LEU B 212 -3.41 -31.69 23.37
CA LEU B 212 -4.82 -31.32 23.48
C LEU B 212 -5.61 -32.59 23.21
N ASN B 213 -4.91 -33.71 23.29
CA ASN B 213 -5.47 -35.03 23.07
C ASN B 213 -6.21 -35.16 21.74
N LEU B 214 -5.59 -34.61 20.72
CA LEU B 214 -6.09 -34.65 19.36
C LEU B 214 -5.03 -35.42 18.58
N ASP B 215 -5.44 -36.44 17.84
CA ASP B 215 -4.49 -37.23 17.05
C ASP B 215 -4.88 -37.06 15.59
N ILE B 216 -4.39 -35.99 14.98
CA ILE B 216 -4.68 -35.70 13.58
C ILE B 216 -3.40 -35.75 12.74
N PRO B 217 -3.45 -36.46 11.61
CA PRO B 217 -2.26 -36.56 10.74
C PRO B 217 -1.94 -35.22 10.10
N LEU B 218 -0.76 -34.68 10.41
CA LEU B 218 -0.32 -33.41 9.83
C LEU B 218 1.14 -33.60 9.46
N GLN B 219 1.46 -33.36 8.19
CA GLN B 219 2.83 -33.53 7.74
C GLN B 219 3.53 -32.25 7.28
N PRO B 220 4.56 -31.82 8.03
CA PRO B 220 5.29 -30.59 7.66
C PRO B 220 6.15 -30.92 6.43
N TYR B 221 6.26 -29.97 5.52
CA TYR B 221 7.06 -30.13 4.30
C TYR B 221 7.98 -28.94 4.11
N ARG B 222 9.21 -29.22 3.71
CA ARG B 222 10.19 -28.18 3.45
C ARG B 222 9.92 -27.70 2.03
N GLN B 223 9.57 -26.42 1.88
CA GLN B 223 9.26 -25.85 0.57
C GLN B 223 10.10 -24.62 0.29
N VAL B 224 10.82 -24.66 -0.83
CA VAL B 224 11.68 -23.54 -1.20
C VAL B 224 11.17 -22.69 -2.34
N VAL B 225 11.70 -21.47 -2.40
CA VAL B 225 11.37 -20.52 -3.46
C VAL B 225 12.65 -19.82 -3.87
N GLY B 226 12.73 -19.45 -5.14
CA GLY B 226 13.91 -18.76 -5.63
C GLY B 226 13.53 -17.53 -6.43
N PHE B 227 14.35 -16.49 -6.31
CA PHE B 227 14.16 -15.25 -7.05
C PHE B 227 15.22 -15.30 -8.16
N PHE B 228 14.81 -15.06 -9.39
CA PHE B 228 15.73 -15.14 -10.50
C PHE B 228 15.83 -13.85 -11.32
N GLU B 229 17.05 -13.47 -11.67
CA GLU B 229 17.25 -12.28 -12.49
C GLU B 229 16.46 -12.55 -13.76
N SER B 230 15.60 -11.60 -14.13
CA SER B 230 14.76 -11.77 -15.31
C SER B 230 14.77 -10.58 -16.25
N ASP B 231 14.20 -10.80 -17.42
CA ASP B 231 14.08 -9.75 -18.41
C ASP B 231 12.95 -8.87 -17.89
N GLU B 232 13.32 -7.74 -17.30
CA GLU B 232 12.33 -6.84 -16.73
C GLU B 232 11.32 -6.34 -17.76
N SER B 233 11.73 -6.29 -19.03
CA SER B 233 10.82 -5.83 -20.08
C SER B 233 9.66 -6.79 -20.26
N LYS B 234 9.80 -7.99 -19.69
CA LYS B 234 8.76 -9.01 -19.80
C LYS B 234 8.18 -9.46 -18.46
N TYR B 235 9.04 -9.58 -17.44
CA TYR B 235 8.59 -10.09 -16.15
C TYR B 235 8.25 -9.15 -15.00
N SER B 236 8.45 -7.85 -15.20
CA SER B 236 8.15 -6.89 -14.16
C SER B 236 6.65 -6.69 -13.94
N ASN B 237 6.27 -6.42 -12.69
CA ASN B 237 4.88 -6.15 -12.35
C ASN B 237 4.50 -4.87 -13.11
N ASP B 238 5.49 -4.01 -13.31
CA ASP B 238 5.31 -2.73 -14.00
C ASP B 238 4.78 -2.86 -15.43
N ILE B 239 5.04 -4.00 -16.06
CA ILE B 239 4.55 -4.21 -17.43
C ILE B 239 3.43 -5.26 -17.43
N ASP B 240 2.79 -5.38 -16.28
CA ASP B 240 1.66 -6.29 -16.07
C ASP B 240 1.86 -7.80 -16.16
N PHE B 241 3.06 -8.29 -15.86
CA PHE B 241 3.27 -9.73 -15.85
C PHE B 241 2.52 -10.17 -14.59
N PRO B 242 1.68 -11.20 -14.70
CA PRO B 242 0.88 -11.71 -13.58
C PRO B 242 1.52 -12.64 -12.58
N GLY B 243 0.80 -12.84 -11.49
CA GLY B 243 1.20 -13.80 -10.49
C GLY B 243 0.65 -15.05 -11.16
N PHE B 244 1.09 -16.24 -10.77
CA PHE B 244 0.58 -17.43 -11.42
C PHE B 244 0.69 -18.72 -10.62
N MET B 245 -0.17 -19.66 -10.97
CA MET B 245 -0.19 -20.99 -10.36
C MET B 245 -0.63 -21.85 -11.53
N VAL B 246 0.24 -22.77 -11.95
CA VAL B 246 -0.08 -23.59 -13.09
C VAL B 246 0.22 -25.07 -12.86
N GLU B 247 -0.40 -25.91 -13.69
CA GLU B 247 -0.17 -27.34 -13.58
C GLU B 247 0.35 -27.86 -14.89
N VAL B 248 1.52 -28.49 -14.84
CA VAL B 248 2.16 -29.07 -16.00
C VAL B 248 2.35 -30.56 -15.70
N PRO B 249 2.73 -31.35 -16.71
CA PRO B 249 2.92 -32.80 -16.52
C PRO B 249 3.56 -33.22 -15.19
N ASN B 250 4.66 -32.60 -14.81
CA ASN B 250 5.35 -33.00 -13.59
C ASN B 250 5.02 -32.24 -12.30
N GLY B 251 3.87 -31.60 -12.26
CA GLY B 251 3.47 -30.91 -11.05
C GLY B 251 2.88 -29.52 -11.19
N ILE B 252 2.67 -28.89 -10.05
CA ILE B 252 2.13 -27.55 -9.99
C ILE B 252 3.20 -26.57 -9.52
N TYR B 253 3.29 -25.44 -10.21
CA TYR B 253 4.24 -24.40 -9.87
C TYR B 253 3.49 -23.10 -9.69
N TYR B 254 4.06 -22.20 -8.89
CA TYR B 254 3.45 -20.89 -8.67
C TYR B 254 4.55 -19.85 -8.75
N GLY B 255 4.19 -18.62 -9.12
CA GLY B 255 5.21 -17.60 -9.22
C GLY B 255 4.71 -16.18 -9.15
N PHE B 256 5.67 -15.25 -9.09
CA PHE B 256 5.37 -13.83 -8.98
C PHE B 256 6.18 -12.98 -9.94
N PRO B 257 5.60 -11.87 -10.40
CA PRO B 257 6.32 -10.98 -11.32
C PRO B 257 7.40 -10.30 -10.50
N SER B 258 8.39 -9.74 -11.18
CA SER B 258 9.46 -9.05 -10.48
C SER B 258 8.94 -7.72 -9.95
N PHE B 259 9.24 -7.41 -8.69
CA PHE B 259 8.82 -6.15 -8.09
C PHE B 259 10.05 -5.30 -7.85
N GLY B 260 10.11 -4.13 -8.47
CA GLY B 260 11.27 -3.28 -8.30
C GLY B 260 12.56 -4.01 -8.61
N GLY B 261 12.51 -4.86 -9.63
CA GLY B 261 13.68 -5.61 -10.04
C GLY B 261 14.20 -6.69 -9.08
N CYS B 262 13.34 -7.21 -8.21
CA CYS B 262 13.77 -8.26 -7.28
C CYS B 262 13.87 -9.58 -8.01
N GLY B 263 13.42 -9.60 -9.26
CA GLY B 263 13.44 -10.82 -10.06
C GLY B 263 12.21 -11.67 -9.86
N LEU B 264 11.89 -12.48 -10.85
CA LEU B 264 10.73 -13.36 -10.76
C LEU B 264 10.97 -14.40 -9.67
N LYS B 265 9.91 -14.73 -8.94
CA LYS B 265 10.00 -15.70 -7.87
C LYS B 265 9.19 -16.93 -8.24
N LEU B 266 9.79 -18.11 -8.05
CA LEU B 266 9.12 -19.36 -8.39
C LEU B 266 9.19 -20.42 -7.30
N GLY B 267 8.15 -21.24 -7.24
CA GLY B 267 8.09 -22.32 -6.27
C GLY B 267 7.45 -23.56 -6.89
N TYR B 268 7.86 -24.74 -6.42
CA TYR B 268 7.34 -26.02 -6.87
C TYR B 268 6.38 -26.45 -5.76
N HIS B 269 5.09 -26.42 -6.05
CA HIS B 269 4.04 -26.71 -5.07
C HIS B 269 3.81 -28.17 -4.69
N THR B 270 3.90 -29.07 -5.67
CA THR B 270 3.64 -30.49 -5.44
C THR B 270 4.76 -31.36 -4.87
N PHE B 271 5.97 -30.82 -4.76
CA PHE B 271 7.07 -31.58 -4.21
C PHE B 271 7.75 -30.82 -3.07
N GLY B 272 8.25 -31.57 -2.09
CA GLY B 272 8.93 -30.99 -0.95
C GLY B 272 9.46 -32.10 -0.04
N GLN B 273 10.31 -31.76 0.90
CA GLN B 273 10.87 -32.76 1.83
C GLN B 273 10.02 -32.89 3.08
N LYS B 274 9.74 -34.11 3.51
CA LYS B 274 8.98 -34.29 4.74
C LYS B 274 9.98 -33.95 5.84
N ILE B 275 9.58 -33.10 6.78
CA ILE B 275 10.50 -32.68 7.82
C ILE B 275 9.88 -32.52 9.20
N ASP B 276 10.72 -32.14 10.15
CA ASP B 276 10.33 -31.87 11.52
C ASP B 276 10.64 -30.38 11.66
N PRO B 277 9.64 -29.56 12.03
CA PRO B 277 9.86 -28.13 12.18
C PRO B 277 10.98 -27.70 13.14
N ASP B 278 11.29 -28.54 14.12
CA ASP B 278 12.35 -28.23 15.08
C ASP B 278 13.75 -28.54 14.54
N THR B 279 13.84 -29.30 13.45
CA THR B 279 15.14 -29.66 12.88
C THR B 279 15.32 -29.40 11.39
N ILE B 280 14.45 -28.58 10.80
CA ILE B 280 14.53 -28.29 9.37
C ILE B 280 15.74 -27.42 9.00
N ASN B 281 16.32 -27.71 7.84
CA ASN B 281 17.48 -26.97 7.33
C ASN B 281 16.95 -25.83 6.45
N ARG B 282 17.04 -24.61 6.95
CA ARG B 282 16.54 -23.47 6.20
C ARG B 282 17.56 -22.75 5.30
N GLU B 283 18.43 -23.52 4.67
CA GLU B 283 19.43 -22.95 3.76
C GLU B 283 19.06 -23.36 2.35
N PHE B 284 18.70 -22.39 1.51
CA PHE B 284 18.34 -22.70 0.13
C PHE B 284 19.54 -23.23 -0.62
N GLY B 285 19.33 -24.29 -1.39
CA GLY B 285 20.40 -24.89 -2.18
C GLY B 285 21.12 -26.03 -1.49
N VAL B 286 20.78 -26.30 -0.23
CA VAL B 286 21.45 -27.38 0.50
C VAL B 286 21.28 -28.72 -0.23
N TYR B 287 20.15 -28.88 -0.93
CA TYR B 287 19.91 -30.09 -1.72
C TYR B 287 19.89 -29.64 -3.18
N PRO B 288 20.26 -30.54 -4.10
CA PRO B 288 20.27 -30.21 -5.53
C PRO B 288 18.90 -29.84 -6.11
N GLU B 289 17.85 -30.51 -5.64
CA GLU B 289 16.50 -30.25 -6.13
C GLU B 289 16.03 -28.81 -5.90
N ASP B 290 16.54 -28.17 -4.85
CA ASP B 290 16.14 -26.80 -4.53
C ASP B 290 16.15 -25.91 -5.77
N GLU B 291 17.32 -25.71 -6.35
CA GLU B 291 17.44 -24.86 -7.53
C GLU B 291 17.07 -25.55 -8.84
N SER B 292 17.36 -26.85 -8.97
CA SER B 292 17.09 -27.56 -10.22
C SER B 292 15.62 -27.74 -10.61
N ASN B 293 14.75 -28.03 -9.66
CA ASN B 293 13.34 -28.22 -9.98
C ASN B 293 12.73 -26.93 -10.53
N LEU B 294 13.19 -25.79 -10.01
CA LEU B 294 12.71 -24.50 -10.47
C LEU B 294 13.17 -24.20 -11.89
N ARG B 295 14.47 -24.33 -12.14
CA ARG B 295 15.00 -24.06 -13.47
C ARG B 295 14.40 -24.99 -14.51
N ALA B 296 14.01 -26.20 -14.12
CA ALA B 296 13.39 -27.14 -15.05
C ALA B 296 12.12 -26.51 -15.61
N PHE B 297 11.39 -25.80 -14.76
CA PHE B 297 10.16 -25.14 -15.19
C PHE B 297 10.46 -23.87 -16.00
N LEU B 298 11.36 -23.04 -15.49
CA LEU B 298 11.71 -21.79 -16.15
C LEU B 298 12.22 -21.99 -17.58
N GLU B 299 13.21 -22.87 -17.74
CA GLU B 299 13.77 -23.15 -19.06
C GLU B 299 12.68 -23.45 -20.09
N GLU B 300 11.66 -24.18 -19.67
CA GLU B 300 10.58 -24.58 -20.57
C GLU B 300 9.38 -23.64 -20.75
N TYR B 301 8.99 -22.91 -19.71
CA TYR B 301 7.82 -22.03 -19.82
C TYR B 301 8.06 -20.52 -19.71
N MET B 302 9.15 -20.11 -19.10
CA MET B 302 9.46 -18.69 -18.94
C MET B 302 10.98 -18.56 -19.03
N PRO B 303 11.53 -18.82 -20.23
CA PRO B 303 12.99 -18.74 -20.47
C PRO B 303 13.69 -17.42 -20.17
N GLY B 304 13.03 -16.29 -20.39
CA GLY B 304 13.65 -15.01 -20.11
C GLY B 304 13.79 -14.73 -18.63
N ALA B 305 13.28 -15.63 -17.80
CA ALA B 305 13.34 -15.49 -16.34
C ALA B 305 14.30 -16.52 -15.75
N ASN B 306 14.78 -17.42 -16.60
CA ASN B 306 15.71 -18.46 -16.12
C ASN B 306 17.12 -17.90 -16.02
N GLY B 307 17.26 -16.83 -15.25
CA GLY B 307 18.55 -16.20 -15.09
C GLY B 307 19.26 -16.57 -13.80
N GLU B 308 20.17 -15.70 -13.36
CA GLU B 308 20.94 -15.94 -12.15
C GLU B 308 20.10 -15.90 -10.87
N LEU B 309 20.37 -16.86 -9.98
CA LEU B 309 19.68 -16.93 -8.70
C LEU B 309 20.10 -15.74 -7.86
N LYS B 310 19.13 -14.89 -7.50
CA LYS B 310 19.43 -13.71 -6.69
C LYS B 310 19.22 -14.01 -5.21
N ARG B 311 18.15 -14.72 -4.90
CA ARG B 311 17.80 -15.03 -3.53
C ARG B 311 17.03 -16.34 -3.43
N GLY B 312 17.10 -16.96 -2.26
CA GLY B 312 16.40 -18.21 -2.02
C GLY B 312 15.80 -18.19 -0.62
N ALA B 313 14.71 -18.90 -0.42
CA ALA B 313 14.08 -18.95 0.89
C ALA B 313 13.61 -20.37 1.18
N VAL B 314 13.55 -20.74 2.45
CA VAL B 314 13.11 -22.07 2.82
C VAL B 314 11.98 -21.91 3.82
N CYS B 315 10.83 -22.45 3.46
CA CYS B 315 9.67 -22.32 4.30
C CYS B 315 8.87 -23.63 4.39
N MET B 316 7.85 -23.67 5.26
CA MET B 316 7.09 -24.91 5.46
C MET B 316 5.59 -24.94 5.18
N TYR B 317 5.13 -26.08 4.68
CA TYR B 317 3.71 -26.33 4.45
C TYR B 317 3.36 -27.33 5.56
N THR B 318 2.10 -27.40 5.95
CA THR B 318 1.66 -28.38 6.95
C THR B 318 0.40 -28.99 6.33
N LYS B 319 0.56 -30.16 5.71
CA LYS B 319 -0.54 -30.80 5.01
C LYS B 319 -1.43 -31.76 5.79
N THR B 320 -2.70 -31.76 5.39
CA THR B 320 -3.70 -32.66 5.94
C THR B 320 -3.85 -33.68 4.82
N LEU B 321 -4.49 -34.81 5.11
CA LEU B 321 -4.66 -35.84 4.10
C LEU B 321 -5.51 -35.42 2.90
N ASP B 322 -6.45 -34.50 3.10
CA ASP B 322 -7.29 -34.05 1.98
C ASP B 322 -6.86 -32.66 1.53
N GLU B 323 -5.82 -32.15 2.16
CA GLU B 323 -5.25 -30.84 1.86
C GLU B 323 -6.19 -29.67 2.05
N HIS B 324 -7.16 -29.84 2.94
CA HIS B 324 -8.11 -28.79 3.27
C HIS B 324 -7.78 -28.39 4.69
N PHE B 325 -8.07 -27.15 5.05
CA PHE B 325 -7.73 -26.65 6.36
C PHE B 325 -8.54 -27.24 7.51
N ILE B 326 -8.07 -26.94 8.72
CA ILE B 326 -8.74 -27.35 9.94
C ILE B 326 -8.99 -26.06 10.70
N ILE B 327 -10.26 -25.67 10.81
CA ILE B 327 -10.65 -24.47 11.54
C ILE B 327 -11.92 -24.90 12.25
N ASP B 328 -11.82 -25.11 13.57
CA ASP B 328 -12.95 -25.59 14.33
C ASP B 328 -12.71 -25.50 15.82
N LEU B 329 -13.75 -25.73 16.60
CA LEU B 329 -13.64 -25.74 18.05
C LEU B 329 -13.13 -27.13 18.37
N HIS B 330 -12.53 -27.30 19.53
CA HIS B 330 -12.04 -28.61 19.95
C HIS B 330 -13.34 -29.36 20.29
N PRO B 331 -13.53 -30.57 19.73
CA PRO B 331 -14.76 -31.31 20.03
C PRO B 331 -15.08 -31.50 21.52
N GLU B 332 -14.03 -31.53 22.34
CA GLU B 332 -14.19 -31.70 23.79
C GLU B 332 -14.22 -30.39 24.58
N HIS B 333 -13.78 -29.31 23.95
CA HIS B 333 -13.72 -28.01 24.62
C HIS B 333 -14.19 -26.82 23.80
N SER B 334 -15.33 -26.24 24.16
CA SER B 334 -15.84 -25.10 23.41
C SER B 334 -15.02 -23.83 23.63
N ASN B 335 -14.12 -23.83 24.61
CA ASN B 335 -13.30 -22.65 24.86
C ASN B 335 -11.91 -22.77 24.23
N VAL B 336 -11.78 -23.70 23.29
CA VAL B 336 -10.53 -23.92 22.59
C VAL B 336 -10.84 -23.95 21.10
N VAL B 337 -10.10 -23.14 20.33
CA VAL B 337 -10.28 -23.05 18.88
C VAL B 337 -8.98 -23.48 18.21
N ILE B 338 -9.10 -24.27 17.15
CA ILE B 338 -7.93 -24.78 16.42
C ILE B 338 -7.88 -24.31 14.98
N ALA B 339 -6.70 -23.94 14.51
CA ALA B 339 -6.49 -23.49 13.14
C ALA B 339 -5.22 -24.22 12.69
N ALA B 340 -5.36 -25.19 11.79
CA ALA B 340 -4.21 -25.95 11.36
C ALA B 340 -4.33 -26.59 9.98
N GLY B 341 -3.22 -27.16 9.51
CA GLY B 341 -3.18 -27.85 8.23
C GLY B 341 -3.54 -27.06 7.00
N PHE B 342 -2.97 -25.87 6.86
CA PHE B 342 -3.29 -25.01 5.73
C PHE B 342 -2.69 -25.49 4.40
N SER B 343 -2.04 -26.65 4.48
CA SER B 343 -1.48 -27.33 3.33
C SER B 343 -0.84 -26.53 2.20
N GLY B 344 -0.14 -25.46 2.55
CA GLY B 344 0.55 -24.65 1.56
C GLY B 344 -0.24 -23.64 0.77
N HIS B 345 -1.53 -23.45 1.07
CA HIS B 345 -2.31 -22.48 0.31
C HIS B 345 -3.23 -21.66 1.22
N GLY B 346 -2.79 -21.44 2.45
CA GLY B 346 -3.63 -20.73 3.38
C GLY B 346 -3.39 -19.26 3.66
N PHE B 347 -2.23 -18.69 3.31
CA PHE B 347 -2.02 -17.28 3.64
C PHE B 347 -3.05 -16.30 3.15
N LYS B 348 -3.50 -16.47 1.91
CA LYS B 348 -4.49 -15.57 1.32
C LYS B 348 -5.76 -15.49 2.15
N PHE B 349 -6.05 -16.54 2.91
CA PHE B 349 -7.25 -16.60 3.75
C PHE B 349 -7.02 -16.12 5.17
N SER B 350 -5.76 -15.91 5.55
CA SER B 350 -5.46 -15.53 6.94
C SER B 350 -6.24 -14.37 7.53
N SER B 351 -6.59 -13.39 6.70
CA SER B 351 -7.38 -12.26 7.21
C SER B 351 -8.78 -12.77 7.54
N GLY B 352 -9.36 -13.55 6.64
CA GLY B 352 -10.68 -14.10 6.88
C GLY B 352 -10.67 -15.06 8.04
N VAL B 353 -9.62 -15.87 8.12
CA VAL B 353 -9.52 -16.84 9.20
C VAL B 353 -9.39 -16.13 10.55
N GLY B 354 -8.72 -14.98 10.55
CA GLY B 354 -8.57 -14.24 11.79
C GLY B 354 -9.93 -13.83 12.30
N GLU B 355 -10.83 -13.51 11.38
CA GLU B 355 -12.18 -13.09 11.72
C GLU B 355 -13.00 -14.29 12.22
N VAL B 356 -12.86 -15.42 11.52
CA VAL B 356 -13.55 -16.64 11.91
C VAL B 356 -13.11 -17.08 13.31
N LEU B 357 -11.81 -17.05 13.55
CA LEU B 357 -11.26 -17.45 14.82
C LEU B 357 -11.75 -16.55 15.94
N SER B 358 -11.83 -15.26 15.66
CA SER B 358 -12.29 -14.28 16.65
C SER B 358 -13.73 -14.58 17.03
N GLN B 359 -14.54 -14.90 16.02
CA GLN B 359 -15.95 -15.19 16.25
C GLN B 359 -16.18 -16.50 16.99
N LEU B 360 -15.38 -17.52 16.67
CA LEU B 360 -15.49 -18.80 17.35
C LEU B 360 -15.08 -18.66 18.81
N ALA B 361 -14.02 -17.88 19.05
CA ALA B 361 -13.52 -17.67 20.40
C ALA B 361 -14.52 -16.92 21.28
N LEU B 362 -15.18 -15.92 20.70
CA LEU B 362 -16.15 -15.11 21.44
C LEU B 362 -17.58 -15.65 21.50
N THR B 363 -18.03 -16.35 20.47
CA THR B 363 -19.39 -16.86 20.47
C THR B 363 -19.54 -18.36 20.22
N GLY B 364 -18.42 -19.05 19.98
CA GLY B 364 -18.52 -20.48 19.73
C GLY B 364 -19.07 -20.78 18.35
N LYS B 365 -19.17 -19.75 17.51
CA LYS B 365 -19.66 -19.92 16.15
C LYS B 365 -19.26 -18.75 15.27
N THR B 366 -19.33 -18.95 13.96
CA THR B 366 -18.96 -17.91 13.00
C THR B 366 -20.07 -17.68 11.98
N GLU B 367 -20.10 -16.51 11.38
CA GLU B 367 -21.12 -16.21 10.39
C GLU B 367 -20.81 -16.90 9.06
N HIS B 368 -19.55 -17.27 8.87
CA HIS B 368 -19.13 -17.93 7.64
C HIS B 368 -19.32 -19.44 7.70
N ASP B 369 -19.53 -20.03 6.54
CA ASP B 369 -19.71 -21.47 6.43
C ASP B 369 -18.33 -22.11 6.41
N ILE B 370 -17.93 -22.71 7.52
CA ILE B 370 -16.62 -23.35 7.63
C ILE B 370 -16.71 -24.86 7.75
N SER B 371 -17.86 -25.42 7.36
CA SER B 371 -18.09 -26.86 7.42
C SER B 371 -16.98 -27.69 6.78
N ILE B 372 -16.46 -27.23 5.65
CA ILE B 372 -15.41 -27.95 4.94
C ILE B 372 -14.07 -28.03 5.67
N PHE B 373 -13.96 -27.32 6.79
CA PHE B 373 -12.73 -27.33 7.58
C PHE B 373 -12.91 -28.00 8.94
N SER B 374 -14.04 -28.68 9.11
CA SER B 374 -14.33 -29.37 10.37
C SER B 374 -13.22 -30.29 10.87
N ILE B 375 -12.89 -30.17 12.15
CA ILE B 375 -11.85 -30.97 12.76
C ILE B 375 -12.29 -32.41 12.96
N ASN B 376 -13.60 -32.65 12.80
CA ASN B 376 -14.16 -33.98 12.98
C ASN B 376 -14.42 -34.73 11.66
N ARG B 377 -14.21 -34.08 10.52
CA ARG B 377 -14.43 -34.76 9.26
C ARG B 377 -13.52 -35.99 9.14
N PRO B 378 -14.06 -37.11 8.64
CA PRO B 378 -13.34 -38.38 8.47
C PRO B 378 -12.16 -38.34 7.48
N ALA B 379 -12.25 -37.49 6.46
CA ALA B 379 -11.20 -37.39 5.46
C ALA B 379 -9.86 -36.99 6.06
N LEU B 380 -9.90 -36.55 7.32
CA LEU B 380 -8.71 -36.12 8.03
C LEU B 380 -8.02 -37.35 8.64
N LYS B 381 -8.82 -38.40 8.85
CA LYS B 381 -8.37 -39.63 9.48
C LYS B 381 -7.99 -39.26 10.91
N GLU B 382 -8.88 -38.49 11.52
CA GLU B 382 -8.72 -37.99 12.87
C GLU B 382 -9.17 -39.02 13.90
N SER B 383 -8.64 -38.89 15.11
CA SER B 383 -8.97 -39.79 16.21
C SER B 383 -8.75 -39.07 17.55
#